data_4AMG
#
_entry.id   4AMG
#
_cell.length_a   66.676
_cell.length_b   179.798
_cell.length_c   70.246
_cell.angle_alpha   90.00
_cell.angle_beta   90.00
_cell.angle_gamma   90.00
#
_symmetry.space_group_name_H-M   'P 21 21 2'
#
loop_
_entity.id
_entity.type
_entity.pdbx_description
1 polymer SNOGD
2 water water
#
_entity_poly.entity_id   1
_entity_poly.type   'polypeptide(L)'
_entity_poly.pdbx_seq_one_letter_code
;MHHHHHHSSGVDLGTENLYFQSMRALFITSPGLSHILPTVPLAQALRALGHEVRYATGGDIRAVAEAGLCAVDVSPGVNY
AKLFVPDDTDVTDPMHSEGLGEGFFAEMFARVSAVAVDGALRTARSWRPDLVVHTPTQGAGPLTAAALQLPCVELPLGPA
DSEPGLGALIRRAMSKDYERHGVTGEPTGSVRLTTTPPSVEALLPEDRRSPGAWPMRYVPYNGGAVLPDWLPPAAGRRRI
AVTLGSIDALSGGIAKLAPLFSEVADVDAEFVLTLGGGDLALLGELPANVRVVEWIPLGALLETCDAIIHHGGSGTLLTA
LAAGVPQCVIPHGSYQDTNRDVLTGLGIGFDAEAGSLGAEQCRRLLDDAGLREAALRVRQEMSEMPPPAETAA(MLY)LV
ALAG
;
_entity_poly.pdbx_strand_id   A,B
#
# COMPACT_ATOMS: atom_id res chain seq x y z
N GLN A 21 16.50 13.15 9.71
CA GLN A 21 16.17 14.08 8.57
C GLN A 21 15.05 13.54 7.67
N SER A 22 13.82 13.61 8.18
CA SER A 22 12.61 13.09 7.51
C SER A 22 11.91 14.11 6.63
N MET A 23 11.98 13.84 5.34
CA MET A 23 11.44 14.71 4.28
C MET A 23 9.94 14.52 4.14
N ARG A 24 9.28 15.54 3.60
CA ARG A 24 7.82 15.48 3.44
C ARG A 24 7.35 15.79 2.04
N ALA A 25 6.57 14.86 1.51
CA ALA A 25 6.07 14.95 0.13
C ALA A 25 4.57 15.07 0.08
N LEU A 26 4.11 16.20 -0.42
CA LEU A 26 2.68 16.44 -0.60
C LEU A 26 2.29 16.19 -2.04
N PHE A 27 1.39 15.23 -2.20
CA PHE A 27 0.93 14.78 -3.51
C PHE A 27 -0.39 15.46 -3.84
N ILE A 28 -0.34 16.36 -4.80
CA ILE A 28 -1.53 17.12 -5.18
C ILE A 28 -1.94 16.73 -6.60
N THR A 29 -2.99 15.94 -6.68
CA THR A 29 -3.33 15.26 -7.93
C THR A 29 -4.71 15.60 -8.46
N SER A 30 -4.87 15.43 -9.78
CA SER A 30 -6.19 15.51 -10.41
C SER A 30 -7.12 14.53 -9.71
N PRO A 31 -8.43 14.81 -9.71
CA PRO A 31 -9.36 13.97 -8.97
C PRO A 31 -9.64 12.63 -9.59
N GLY A 32 -9.25 12.49 -10.84
CA GLY A 32 -9.46 11.25 -11.58
C GLY A 32 -8.54 10.11 -11.20
N LEU A 33 -9.18 8.97 -10.92
CA LEU A 33 -8.50 7.69 -10.59
C LEU A 33 -7.26 7.43 -11.43
N SER A 34 -7.37 7.68 -12.72
CA SER A 34 -6.30 7.31 -13.67
C SER A 34 -5.09 8.22 -13.53
N HIS A 35 -5.31 9.35 -12.89
CA HIS A 35 -4.24 10.34 -12.62
C HIS A 35 -3.56 10.08 -11.30
N ILE A 36 -4.34 9.54 -10.37
CA ILE A 36 -3.87 9.19 -9.01
C ILE A 36 -2.99 7.93 -9.00
N LEU A 37 -3.52 6.86 -9.59
CA LEU A 37 -2.86 5.54 -9.51
C LEU A 37 -1.38 5.57 -9.90
N PRO A 38 -1.02 6.22 -11.00
CA PRO A 38 0.38 6.18 -11.38
C PRO A 38 1.33 6.95 -10.46
N THR A 39 0.78 7.72 -9.54
CA THR A 39 1.60 8.42 -8.55
C THR A 39 1.88 7.53 -7.34
N VAL A 40 1.14 6.43 -7.24
CA VAL A 40 1.20 5.59 -6.03
C VAL A 40 2.53 4.87 -5.78
N PRO A 41 3.12 4.27 -6.81
CA PRO A 41 4.38 3.60 -6.52
C PRO A 41 5.44 4.53 -5.96
N LEU A 42 5.49 5.75 -6.47
CA LEU A 42 6.46 6.77 -5.97
C LEU A 42 6.21 7.13 -4.51
N ALA A 43 4.94 7.35 -4.19
CA ALA A 43 4.53 7.73 -2.83
C ALA A 43 4.92 6.64 -1.85
N GLN A 44 4.70 5.44 -2.32
CA GLN A 44 5.01 4.21 -1.63
C GLN A 44 6.53 4.06 -1.43
N ALA A 45 7.28 4.48 -2.45
CA ALA A 45 8.74 4.42 -2.42
C ALA A 45 9.31 5.39 -1.38
N LEU A 46 8.80 6.60 -1.37
CA LEU A 46 9.22 7.60 -0.37
C LEU A 46 8.98 7.10 1.06
N ARG A 47 7.86 6.45 1.28
CA ARG A 47 7.59 5.89 2.60
C ARG A 47 8.57 4.80 2.93
N ALA A 48 8.93 3.99 1.94
CA ALA A 48 9.82 2.84 2.15
C ALA A 48 11.22 3.31 2.60
N LEU A 49 11.60 4.48 2.10
CA LEU A 49 12.82 5.21 2.53
C LEU A 49 12.72 5.86 3.89
N GLY A 50 11.55 5.85 4.49
CA GLY A 50 11.39 6.39 5.85
C GLY A 50 10.86 7.80 5.90
N HIS A 51 10.41 8.26 4.75
CA HIS A 51 9.87 9.61 4.62
C HIS A 51 8.38 9.64 4.68
N GLU A 52 7.87 10.86 4.65
CA GLU A 52 6.47 11.11 4.91
C GLU A 52 5.75 11.53 3.66
N VAL A 53 4.61 10.92 3.45
CA VAL A 53 3.80 11.13 2.26
C VAL A 53 2.38 11.44 2.64
N ARG A 54 1.83 12.41 1.94
CA ARG A 54 0.42 12.76 2.07
C ARG A 54 -0.15 13.29 0.77
N TYR A 55 -1.41 12.93 0.54
CA TYR A 55 -2.14 13.41 -0.61
C TYR A 55 -3.14 14.47 -0.22
N ALA A 56 -3.19 15.46 -1.09
CA ALA A 56 -4.20 16.49 -1.05
C ALA A 56 -4.86 16.46 -2.40
N THR A 57 -6.05 15.90 -2.43
CA THR A 57 -6.78 15.72 -3.66
C THR A 57 -8.28 15.64 -3.36
N GLY A 58 -9.08 15.51 -4.41
CA GLY A 58 -10.51 15.25 -4.26
C GLY A 58 -10.94 14.12 -5.20
N GLY A 59 -12.23 13.88 -5.27
CA GLY A 59 -12.78 12.97 -6.27
C GLY A 59 -12.60 11.52 -5.93
N ASP A 60 -11.69 10.85 -6.63
CA ASP A 60 -11.49 9.38 -6.46
C ASP A 60 -10.45 9.08 -5.38
N ILE A 61 -10.53 9.93 -4.35
CA ILE A 61 -9.59 9.96 -3.23
C ILE A 61 -9.51 8.63 -2.47
N ARG A 62 -10.57 7.84 -2.54
CA ARG A 62 -10.61 6.54 -1.82
C ARG A 62 -9.52 5.60 -2.32
N ALA A 63 -9.07 5.85 -3.54
CA ALA A 63 -7.99 5.07 -4.17
C ALA A 63 -6.71 5.21 -3.38
N VAL A 64 -6.44 6.42 -2.92
CA VAL A 64 -5.27 6.70 -2.09
C VAL A 64 -5.32 5.84 -0.82
N ALA A 65 -6.43 5.91 -0.12
CA ALA A 65 -6.63 5.11 1.10
C ALA A 65 -6.45 3.61 0.84
N GLU A 66 -6.92 3.19 -0.33
CA GLU A 66 -6.89 1.76 -0.71
C GLU A 66 -5.50 1.34 -1.15
N ALA A 67 -4.58 2.30 -1.24
CA ALA A 67 -3.16 2.04 -1.53
C ALA A 67 -2.28 2.10 -0.28
N GLY A 68 -2.94 2.16 0.87
CA GLY A 68 -2.26 2.21 2.18
C GLY A 68 -1.67 3.56 2.55
N LEU A 69 -2.13 4.59 1.88
CA LEU A 69 -1.63 5.95 2.10
C LEU A 69 -2.71 6.85 2.66
N CYS A 70 -2.30 8.03 3.12
CA CYS A 70 -3.22 8.99 3.74
C CYS A 70 -3.54 10.18 2.85
N ALA A 71 -4.81 10.57 2.87
CA ALA A 71 -5.30 11.67 2.02
C ALA A 71 -6.17 12.67 2.78
N VAL A 72 -6.10 13.93 2.35
CA VAL A 72 -7.00 14.99 2.80
C VAL A 72 -7.86 15.42 1.63
N ASP A 73 -9.17 15.32 1.83
CA ASP A 73 -10.16 15.73 0.83
C ASP A 73 -10.28 17.25 0.84
N VAL A 74 -9.58 17.86 -0.12
CA VAL A 74 -9.51 19.33 -0.26
C VAL A 74 -10.77 19.95 -0.85
N SER A 75 -11.72 19.11 -1.23
CA SER A 75 -12.98 19.59 -1.83
C SER A 75 -14.21 18.75 -1.50
N PRO A 76 -14.50 18.59 -0.20
CA PRO A 76 -15.58 17.67 0.18
C PRO A 76 -16.92 18.08 -0.37
N GLY A 77 -17.62 17.08 -0.89
CA GLY A 77 -18.99 17.22 -1.39
C GLY A 77 -19.08 17.70 -2.83
N VAL A 78 -18.03 18.36 -3.30
CA VAL A 78 -18.04 18.99 -4.64
C VAL A 78 -18.36 18.00 -5.75
N ASN A 79 -19.32 18.38 -6.58
CA ASN A 79 -19.74 17.62 -7.76
C ASN A 79 -18.86 17.97 -8.95
N TYR A 80 -17.97 17.05 -9.27
CA TYR A 80 -16.94 17.27 -10.30
C TYR A 80 -17.47 17.21 -11.73
N ALA A 81 -18.47 16.36 -11.92
CA ALA A 81 -19.11 16.19 -13.23
C ALA A 81 -19.49 17.54 -13.85
N LYS A 82 -20.12 18.37 -13.02
CA LYS A 82 -20.67 19.67 -13.47
C LYS A 82 -19.60 20.74 -13.62
N LEU A 83 -18.42 20.46 -13.09
CA LEU A 83 -17.27 21.37 -13.23
C LEU A 83 -16.54 21.16 -14.56
N PHE A 84 -16.44 19.90 -14.95
CA PHE A 84 -15.82 19.54 -16.24
C PHE A 84 -16.74 19.95 -17.39
N VAL A 85 -18.02 19.70 -17.18
CA VAL A 85 -19.05 20.10 -18.15
C VAL A 85 -20.17 20.89 -17.43
N PRO A 86 -20.06 22.23 -17.40
CA PRO A 86 -21.11 22.92 -16.68
C PRO A 86 -22.45 22.80 -17.37
N ASP A 87 -23.48 23.18 -16.65
CA ASP A 87 -24.83 23.27 -17.20
C ASP A 87 -25.03 24.63 -17.89
N ASP A 88 -24.89 24.59 -19.22
CA ASP A 88 -24.97 25.80 -20.05
C ASP A 88 -25.11 25.46 -21.54
N GLY A 101 -9.48 26.28 -29.08
CA GLY A 101 -8.29 25.44 -29.05
C GLY A 101 -7.89 25.00 -27.65
N GLU A 102 -6.58 25.03 -27.40
CA GLU A 102 -5.97 24.80 -26.07
C GLU A 102 -6.74 25.60 -25.00
N GLY A 103 -7.07 26.84 -25.36
CA GLY A 103 -7.72 27.83 -24.46
C GLY A 103 -8.95 27.39 -23.70
N PHE A 104 -9.82 26.66 -24.40
CA PHE A 104 -11.08 26.16 -23.81
C PHE A 104 -10.76 25.17 -22.69
N PHE A 105 -9.85 24.26 -23.00
CA PHE A 105 -9.53 23.14 -22.09
C PHE A 105 -8.71 23.56 -20.89
N ALA A 106 -7.85 24.55 -21.12
CA ALA A 106 -7.09 25.18 -20.04
C ALA A 106 -8.08 25.76 -19.03
N GLU A 107 -9.09 26.44 -19.55
CA GLU A 107 -10.15 27.06 -18.73
C GLU A 107 -10.91 26.01 -17.92
N MET A 108 -11.12 24.87 -18.57
CA MET A 108 -11.83 23.73 -17.93
C MET A 108 -11.04 23.18 -16.75
N PHE A 109 -9.78 22.89 -17.02
CA PHE A 109 -8.88 22.35 -15.99
C PHE A 109 -8.70 23.35 -14.85
N ALA A 110 -8.76 24.62 -15.21
CA ALA A 110 -8.68 25.71 -14.24
C ALA A 110 -9.88 25.70 -13.29
N ARG A 111 -11.07 25.61 -13.86
CA ARG A 111 -12.31 25.55 -13.04
C ARG A 111 -12.18 24.43 -12.03
N VAL A 112 -11.72 23.30 -12.52
CA VAL A 112 -11.62 22.03 -11.76
C VAL A 112 -10.54 22.10 -10.66
N SER A 113 -9.39 22.66 -11.02
CA SER A 113 -8.27 22.84 -10.10
C SER A 113 -8.61 23.83 -8.98
N ALA A 114 -9.34 24.88 -9.36
CA ALA A 114 -9.71 25.99 -8.47
C ALA A 114 -10.33 25.53 -7.17
N VAL A 115 -11.24 24.58 -7.28
CA VAL A 115 -11.98 24.11 -6.11
C VAL A 115 -11.11 23.34 -5.12
N ALA A 116 -9.90 23.00 -5.56
CA ALA A 116 -8.92 22.29 -4.72
C ALA A 116 -7.88 23.23 -4.06
N VAL A 117 -7.81 24.46 -4.55
CA VAL A 117 -6.75 25.41 -4.15
C VAL A 117 -6.71 25.73 -2.62
N ASP A 118 -7.86 26.10 -2.07
CA ASP A 118 -7.96 26.42 -0.63
C ASP A 118 -7.46 25.29 0.25
N GLY A 119 -7.98 24.11 0.00
CA GLY A 119 -7.67 22.91 0.79
C GLY A 119 -6.22 22.49 0.61
N ALA A 120 -5.76 22.58 -0.62
CA ALA A 120 -4.38 22.26 -0.93
C ALA A 120 -3.45 23.14 -0.10
N LEU A 121 -3.82 24.41 0.00
CA LEU A 121 -2.97 25.43 0.66
C LEU A 121 -3.03 25.31 2.17
N ARG A 122 -4.24 25.18 2.71
CA ARG A 122 -4.39 24.86 4.14
C ARG A 122 -3.45 23.74 4.53
N THR A 123 -3.55 22.64 3.78
CA THR A 123 -2.85 21.39 4.12
C THR A 123 -1.34 21.57 4.08
N ALA A 124 -0.88 22.22 3.01
CA ALA A 124 0.56 22.53 2.85
C ALA A 124 1.09 23.37 4.00
N ARG A 125 0.27 24.33 4.45
CA ARG A 125 0.72 25.30 5.45
C ARG A 125 0.76 24.68 6.83
N SER A 126 -0.13 23.72 7.06
CA SER A 126 -0.14 23.04 8.36
C SER A 126 0.76 21.82 8.41
N TRP A 127 0.81 21.10 7.30
CA TRP A 127 1.64 19.87 7.19
C TRP A 127 3.07 20.18 6.85
N ARG A 128 3.27 21.30 6.19
CA ARG A 128 4.61 21.80 5.84
C ARG A 128 5.47 20.82 5.05
N PRO A 129 5.13 20.57 3.77
CA PRO A 129 5.97 19.67 2.99
C PRO A 129 7.22 20.34 2.50
N ASP A 130 8.15 19.51 2.07
CA ASP A 130 9.43 19.95 1.48
C ASP A 130 9.46 19.86 -0.04
N LEU A 131 8.34 19.36 -0.58
CA LEU A 131 8.26 18.86 -1.94
C LEU A 131 6.81 18.65 -2.32
N VAL A 132 6.42 19.20 -3.46
CA VAL A 132 5.09 19.00 -4.00
C VAL A 132 5.13 18.12 -5.24
N VAL A 133 4.41 17.02 -5.18
CA VAL A 133 4.25 16.16 -6.36
C VAL A 133 2.91 16.42 -6.96
N HIS A 134 2.88 16.64 -8.26
CA HIS A 134 1.59 16.88 -8.92
C HIS A 134 1.45 16.29 -10.29
N THR A 135 0.25 16.37 -10.82
CA THR A 135 -0.09 15.79 -12.12
C THR A 135 -0.36 16.91 -13.11
N PRO A 136 0.01 16.71 -14.38
CA PRO A 136 0.01 17.76 -15.41
C PRO A 136 -1.12 18.77 -15.38
N THR A 137 -2.34 18.32 -15.08
CA THR A 137 -3.52 19.20 -15.19
C THR A 137 -4.03 19.76 -13.87
N GLN A 138 -3.48 19.25 -12.77
CA GLN A 138 -3.87 19.70 -11.44
C GLN A 138 -3.12 21.00 -11.13
N GLY A 139 -3.81 22.11 -11.41
CA GLY A 139 -3.21 23.45 -11.27
C GLY A 139 -2.93 23.89 -9.85
N ALA A 140 -3.60 23.26 -8.89
CA ALA A 140 -3.42 23.55 -7.46
C ALA A 140 -2.05 23.16 -6.98
N GLY A 141 -1.43 22.29 -7.75
CA GLY A 141 -0.10 21.76 -7.43
C GLY A 141 0.98 22.79 -7.52
N PRO A 142 1.25 23.30 -8.73
CA PRO A 142 2.25 24.36 -8.90
C PRO A 142 1.92 25.61 -8.10
N LEU A 143 0.64 25.90 -8.00
CA LEU A 143 0.21 27.08 -7.24
C LEU A 143 0.75 26.95 -5.82
N THR A 144 0.44 25.80 -5.22
CA THR A 144 0.82 25.48 -3.84
C THR A 144 2.32 25.52 -3.70
N ALA A 145 2.99 24.92 -4.66
CA ALA A 145 4.45 24.87 -4.68
C ALA A 145 5.04 26.29 -4.67
N ALA A 146 4.53 27.14 -5.57
CA ALA A 146 5.01 28.53 -5.68
C ALA A 146 4.74 29.31 -4.38
N ALA A 147 3.55 29.09 -3.83
CA ALA A 147 3.11 29.77 -2.62
C ALA A 147 3.96 29.45 -1.40
N LEU A 148 4.56 28.29 -1.37
CA LEU A 148 5.41 27.88 -0.23
C LEU A 148 6.88 27.89 -0.63
N GLN A 149 7.11 28.36 -1.84
CA GLN A 149 8.46 28.42 -2.42
C GLN A 149 9.14 27.06 -2.33
N LEU A 150 8.47 26.09 -2.93
CA LEU A 150 8.92 24.68 -2.92
C LEU A 150 9.14 24.17 -4.34
N PRO A 151 10.06 23.20 -4.50
CA PRO A 151 10.17 22.59 -5.81
C PRO A 151 8.98 21.70 -6.05
N CYS A 152 8.63 21.54 -7.31
CA CYS A 152 7.58 20.58 -7.64
C CYS A 152 7.92 19.60 -8.75
N VAL A 153 7.35 18.42 -8.58
CA VAL A 153 7.64 17.25 -9.41
C VAL A 153 6.39 16.82 -10.14
N GLU A 154 6.45 16.85 -11.45
CA GLU A 154 5.28 16.52 -12.28
C GLU A 154 5.31 15.06 -12.70
N LEU A 155 4.28 14.34 -12.31
CA LEU A 155 4.16 12.89 -12.58
C LEU A 155 2.99 12.58 -13.53
N PRO A 156 3.28 12.36 -14.81
CA PRO A 156 2.18 12.06 -15.73
C PRO A 156 1.78 10.61 -15.72
N LEU A 157 0.58 10.36 -16.21
CA LEU A 157 0.02 8.99 -16.26
C LEU A 157 0.53 8.20 -17.45
N GLY A 158 1.13 8.90 -18.40
CA GLY A 158 1.65 8.30 -19.63
C GLY A 158 2.03 9.27 -20.72
N PRO A 159 2.35 8.77 -21.91
CA PRO A 159 2.79 9.60 -23.03
C PRO A 159 1.84 10.70 -23.47
N ALA A 160 0.54 10.48 -23.30
CA ALA A 160 -0.46 11.51 -23.63
C ALA A 160 -0.32 12.71 -22.72
N ASP A 161 -0.45 12.44 -21.43
CA ASP A 161 -0.44 13.48 -20.38
C ASP A 161 0.68 14.48 -20.59
N SER A 162 1.72 14.01 -21.26
CA SER A 162 2.96 14.78 -21.46
C SER A 162 2.79 15.97 -22.42
N GLU A 163 2.43 17.12 -21.85
CA GLU A 163 2.22 18.38 -22.61
C GLU A 163 2.54 19.62 -21.76
N PRO A 164 3.70 20.28 -21.98
CA PRO A 164 4.07 21.29 -20.99
C PRO A 164 3.65 22.72 -21.34
N GLY A 165 3.06 22.89 -22.51
CA GLY A 165 2.41 24.16 -22.86
C GLY A 165 1.16 24.36 -21.99
N LEU A 166 0.50 23.25 -21.73
CA LEU A 166 -0.79 23.25 -21.01
C LEU A 166 -0.66 23.72 -19.58
N GLY A 167 0.41 23.29 -18.93
CA GLY A 167 0.68 23.69 -17.55
C GLY A 167 0.68 25.21 -17.45
N ALA A 168 1.44 25.81 -18.35
CA ALA A 168 1.58 27.26 -18.45
C ALA A 168 0.23 27.93 -18.67
N LEU A 169 -0.56 27.33 -19.56
CA LEU A 169 -1.89 27.86 -19.90
C LEU A 169 -2.84 27.80 -18.70
N ILE A 170 -2.71 26.72 -17.94
CA ILE A 170 -3.56 26.52 -16.76
C ILE A 170 -3.23 27.59 -15.73
N ARG A 171 -1.93 27.81 -15.53
CA ARG A 171 -1.45 28.85 -14.60
C ARG A 171 -2.04 30.20 -14.96
N ARG A 172 -2.00 30.49 -16.25
CA ARG A 172 -2.57 31.74 -16.79
C ARG A 172 -4.07 31.83 -16.50
N ALA A 173 -4.78 30.77 -16.82
CA ALA A 173 -6.24 30.71 -16.61
C ALA A 173 -6.65 30.71 -15.13
N MET A 174 -5.66 30.54 -14.25
CA MET A 174 -5.89 30.51 -12.79
C MET A 174 -5.34 31.73 -12.08
N SER A 175 -5.11 32.78 -12.88
CA SER A 175 -4.52 34.04 -12.42
C SER A 175 -5.23 34.65 -11.21
N LYS A 176 -6.56 34.56 -11.18
CA LYS A 176 -7.34 35.11 -10.06
C LYS A 176 -7.07 34.37 -8.76
N ASP A 177 -6.83 33.08 -8.90
CA ASP A 177 -6.54 32.21 -7.75
C ASP A 177 -5.16 32.53 -7.15
N TYR A 178 -4.20 32.72 -8.06
CA TYR A 178 -2.85 33.17 -7.67
C TYR A 178 -2.91 34.54 -6.97
N GLU A 179 -3.73 35.41 -7.53
CA GLU A 179 -3.96 36.76 -6.98
C GLU A 179 -4.60 36.70 -5.59
N ARG A 180 -5.65 35.88 -5.49
CA ARG A 180 -6.45 35.77 -4.24
C ARG A 180 -5.61 35.33 -3.05
N HIS A 181 -4.59 34.52 -3.33
CA HIS A 181 -3.72 33.97 -2.27
C HIS A 181 -2.35 34.61 -2.24
N GLY A 182 -2.18 35.62 -3.07
CA GLY A 182 -0.95 36.42 -3.06
C GLY A 182 0.26 35.65 -3.55
N VAL A 183 0.00 34.64 -4.37
CA VAL A 183 1.07 33.86 -5.00
C VAL A 183 1.56 34.59 -6.24
N THR A 184 2.74 35.15 -6.13
CA THR A 184 3.32 35.94 -7.23
C THR A 184 4.63 35.34 -7.69
N GLY A 185 5.05 34.29 -7.00
CA GLY A 185 6.35 33.66 -7.25
C GLY A 185 6.37 32.49 -8.20
N GLU A 186 7.44 31.71 -8.07
CA GLU A 186 7.67 30.54 -8.91
C GLU A 186 8.13 29.36 -8.04
N PRO A 187 7.82 28.11 -8.45
CA PRO A 187 8.50 27.03 -7.78
C PRO A 187 10.00 27.14 -8.02
N THR A 188 10.76 26.92 -6.96
CA THR A 188 12.24 27.00 -7.01
C THR A 188 12.75 25.97 -8.01
N GLY A 189 12.36 24.73 -7.77
CA GLY A 189 12.63 23.60 -8.67
C GLY A 189 11.39 23.16 -9.42
N SER A 190 11.60 22.72 -10.65
CA SER A 190 10.53 22.11 -11.43
C SER A 190 11.04 20.90 -12.19
N VAL A 191 10.92 19.76 -11.54
CA VAL A 191 11.29 18.48 -12.12
C VAL A 191 10.11 17.83 -12.82
N ARG A 192 10.40 17.23 -13.97
CA ARG A 192 9.45 16.41 -14.69
C ARG A 192 9.90 14.97 -14.70
N LEU A 193 9.00 14.06 -14.35
CA LEU A 193 9.28 12.62 -14.48
C LEU A 193 8.58 12.04 -15.69
N THR A 194 9.24 11.10 -16.36
CA THR A 194 8.58 10.24 -17.36
C THR A 194 8.79 8.78 -17.08
N THR A 195 7.69 8.05 -17.27
CA THR A 195 7.68 6.60 -17.18
C THR A 195 7.65 6.00 -18.59
N THR A 196 7.70 6.90 -19.56
CA THR A 196 7.67 6.55 -20.98
C THR A 196 9.05 6.07 -21.47
N PRO A 197 9.11 4.84 -21.98
CA PRO A 197 10.39 4.34 -22.44
C PRO A 197 10.85 5.06 -23.72
N PRO A 198 12.17 5.21 -23.91
CA PRO A 198 12.81 5.98 -24.99
C PRO A 198 12.29 5.67 -26.40
N SER A 199 12.01 4.41 -26.67
CA SER A 199 11.57 4.01 -28.02
C SER A 199 10.13 4.45 -28.29
N VAL A 200 9.35 4.53 -27.22
CA VAL A 200 7.99 5.04 -27.33
C VAL A 200 8.02 6.56 -27.48
N GLU A 201 8.90 7.17 -26.70
CA GLU A 201 9.15 8.63 -26.77
C GLU A 201 9.52 9.06 -28.19
N ALA A 202 10.41 8.28 -28.79
CA ALA A 202 10.90 8.53 -30.16
C ALA A 202 9.75 8.71 -31.15
N LEU A 203 8.68 7.96 -30.94
CA LEU A 203 7.54 7.91 -31.86
C LEU A 203 6.50 8.99 -31.60
N LEU A 204 6.67 9.74 -30.53
CA LEU A 204 5.80 10.89 -30.26
C LEU A 204 6.24 12.11 -31.08
N PRO A 205 5.30 13.00 -31.44
CA PRO A 205 5.69 14.23 -32.10
C PRO A 205 6.66 15.05 -31.26
N GLU A 206 7.44 15.89 -31.93
CA GLU A 206 8.58 16.61 -31.30
C GLU A 206 8.20 17.51 -30.11
N ASP A 207 7.18 18.34 -30.28
CA ASP A 207 6.72 19.23 -29.18
C ASP A 207 5.95 18.47 -28.08
N ARG A 208 5.51 17.27 -28.42
CA ARG A 208 4.78 16.36 -27.49
C ARG A 208 5.71 15.52 -26.61
N ARG A 209 7.01 15.60 -26.88
CA ARG A 209 8.02 14.86 -26.08
C ARG A 209 8.84 15.75 -25.15
N SER A 210 9.41 15.12 -24.10
CA SER A 210 10.00 15.85 -22.96
C SER A 210 11.45 15.46 -22.59
N PRO A 211 12.44 16.09 -23.25
CA PRO A 211 13.79 15.87 -22.79
C PRO A 211 14.02 16.63 -21.50
N GLY A 212 15.04 16.23 -20.77
CA GLY A 212 15.30 16.81 -19.45
C GLY A 212 14.40 16.27 -18.35
N ALA A 213 13.42 15.47 -18.74
CA ALA A 213 12.58 14.76 -17.78
C ALA A 213 13.40 13.64 -17.16
N TRP A 214 13.16 13.31 -15.89
CA TRP A 214 13.82 12.14 -15.29
C TRP A 214 13.11 10.89 -15.63
N PRO A 215 13.84 9.91 -16.12
CA PRO A 215 13.19 8.65 -16.36
C PRO A 215 12.90 7.97 -15.06
N MET A 216 11.76 7.30 -15.01
CA MET A 216 11.38 6.44 -13.89
C MET A 216 10.67 5.21 -14.47
N ARG A 217 10.98 4.05 -13.91
CA ARG A 217 10.34 2.83 -14.36
C ARG A 217 8.86 2.93 -14.14
N TYR A 218 8.09 2.52 -15.14
CA TYR A 218 6.65 2.40 -14.97
C TYR A 218 6.36 1.14 -14.19
N VAL A 219 5.97 1.31 -12.93
CA VAL A 219 5.53 0.16 -12.10
C VAL A 219 4.01 0.11 -12.02
N PRO A 220 3.40 -0.88 -12.67
CA PRO A 220 1.95 -0.86 -12.75
C PRO A 220 1.31 -0.96 -11.42
N TYR A 221 0.33 -0.12 -11.21
CA TYR A 221 -0.49 -0.17 -10.01
C TYR A 221 -1.92 0.17 -10.33
N ASN A 222 -2.81 -0.70 -9.86
CA ASN A 222 -4.28 -0.60 -10.09
C ASN A 222 -5.10 -0.94 -8.87
N GLY A 223 -4.41 -1.31 -7.81
CA GLY A 223 -5.05 -1.67 -6.57
C GLY A 223 -4.66 -3.06 -6.19
N GLY A 224 -4.95 -3.40 -4.93
CA GLY A 224 -4.71 -4.71 -4.38
C GLY A 224 -5.95 -5.56 -4.51
N ALA A 225 -5.81 -6.83 -4.17
CA ALA A 225 -6.88 -7.79 -4.36
C ALA A 225 -6.61 -9.12 -3.67
N VAL A 226 -7.68 -9.83 -3.35
CA VAL A 226 -7.56 -11.24 -3.00
C VAL A 226 -7.76 -11.98 -4.32
N LEU A 227 -6.75 -12.71 -4.73
CA LEU A 227 -6.70 -13.25 -6.10
C LEU A 227 -7.58 -14.48 -6.24
N PRO A 228 -8.35 -14.57 -7.33
CA PRO A 228 -9.24 -15.70 -7.54
C PRO A 228 -8.50 -17.00 -7.87
N ASP A 229 -9.21 -18.10 -7.61
CA ASP A 229 -8.69 -19.49 -7.75
C ASP A 229 -8.23 -19.84 -9.14
N TRP A 230 -8.93 -19.31 -10.12
CA TRP A 230 -8.67 -19.63 -11.54
C TRP A 230 -7.47 -18.94 -12.13
N LEU A 231 -6.89 -18.01 -11.39
CA LEU A 231 -5.83 -17.12 -11.91
C LEU A 231 -4.57 -17.86 -12.33
N PRO A 232 -4.08 -18.76 -11.47
CA PRO A 232 -2.88 -19.50 -11.83
C PRO A 232 -3.04 -20.25 -13.15
N PRO A 233 -2.08 -20.07 -14.06
CA PRO A 233 -2.14 -20.69 -15.38
C PRO A 233 -2.12 -22.21 -15.31
N ALA A 234 -2.70 -22.82 -16.35
CA ALA A 234 -2.72 -24.28 -16.51
C ALA A 234 -1.54 -24.79 -17.36
N ALA A 235 -1.34 -26.11 -17.27
CA ALA A 235 -0.25 -26.80 -17.96
C ALA A 235 -0.24 -26.50 -19.46
N GLY A 236 0.73 -25.71 -19.90
CA GLY A 236 0.85 -25.35 -21.32
C GLY A 236 -0.48 -24.91 -21.91
N ARG A 237 -1.09 -23.95 -21.24
CA ARG A 237 -2.38 -23.40 -21.65
C ARG A 237 -2.27 -21.90 -21.78
N ARG A 238 -2.35 -21.45 -23.02
CA ARG A 238 -2.26 -20.04 -23.35
C ARG A 238 -3.49 -19.27 -22.88
N ARG A 239 -3.35 -17.95 -22.84
CA ARG A 239 -4.40 -17.07 -22.29
C ARG A 239 -4.35 -15.68 -22.90
N ILE A 240 -5.51 -15.16 -23.22
CA ILE A 240 -5.63 -13.82 -23.78
C ILE A 240 -6.52 -12.96 -22.86
N ALA A 241 -5.93 -11.87 -22.36
CA ALA A 241 -6.71 -10.91 -21.57
C ALA A 241 -7.48 -10.02 -22.50
N VAL A 242 -8.74 -9.77 -22.16
CA VAL A 242 -9.55 -8.80 -22.87
C VAL A 242 -10.15 -7.79 -21.90
N THR A 243 -9.90 -6.52 -22.18
CA THR A 243 -10.42 -5.46 -21.30
C THR A 243 -11.71 -4.93 -21.87
N LEU A 244 -12.17 -3.83 -21.32
CA LEU A 244 -13.43 -3.21 -21.74
C LEU A 244 -13.39 -1.68 -21.68
N GLY A 245 -14.49 -1.08 -22.12
CA GLY A 245 -14.62 0.38 -22.18
C GLY A 245 -16.06 0.84 -22.00
N SER A 246 -16.25 1.83 -21.13
CA SER A 246 -17.60 2.20 -20.63
C SER A 246 -18.64 2.30 -21.78
N ILE A 247 -18.33 3.18 -22.72
CA ILE A 247 -19.24 3.50 -23.82
C ILE A 247 -18.55 3.89 -25.14
N ASP A 248 -19.01 3.24 -26.20
CA ASP A 248 -18.78 3.65 -27.60
C ASP A 248 -17.38 4.21 -27.88
N SER A 251 -15.40 0.88 -30.36
CA SER A 251 -16.27 -0.02 -29.59
C SER A 251 -16.40 0.46 -28.16
N GLY A 252 -16.69 -0.51 -27.29
CA GLY A 252 -16.95 -0.26 -25.88
C GLY A 252 -18.30 -0.82 -25.48
N GLY A 253 -18.27 -1.78 -24.57
CA GLY A 253 -19.48 -2.49 -24.19
C GLY A 253 -19.34 -3.97 -24.41
N ILE A 254 -20.10 -4.73 -23.63
CA ILE A 254 -19.98 -6.18 -23.59
C ILE A 254 -20.53 -6.83 -24.86
N ALA A 255 -21.43 -6.12 -25.54
CA ALA A 255 -22.16 -6.63 -26.70
C ALA A 255 -21.36 -6.55 -27.99
N LYS A 256 -20.63 -5.45 -28.15
CA LYS A 256 -19.77 -5.24 -29.33
C LYS A 256 -18.75 -6.35 -29.47
N LEU A 257 -18.61 -7.12 -28.41
CA LEU A 257 -17.70 -8.28 -28.40
C LEU A 257 -18.37 -9.55 -28.95
N ALA A 258 -19.63 -9.41 -29.36
CA ALA A 258 -20.41 -10.55 -29.87
C ALA A 258 -19.75 -11.32 -31.05
N PRO A 259 -19.19 -10.62 -32.06
CA PRO A 259 -18.57 -11.39 -33.12
C PRO A 259 -17.40 -12.22 -32.64
N LEU A 260 -16.44 -11.54 -32.01
CA LEU A 260 -15.21 -12.19 -31.52
C LEU A 260 -15.55 -13.47 -30.78
N PHE A 261 -16.74 -13.46 -30.18
CA PHE A 261 -17.24 -14.59 -29.37
C PHE A 261 -17.68 -15.76 -30.21
N SER A 262 -18.09 -15.44 -31.43
CA SER A 262 -18.56 -16.45 -32.38
C SER A 262 -17.39 -17.31 -32.87
N GLU A 263 -16.19 -16.84 -32.60
CA GLU A 263 -14.97 -17.45 -33.14
C GLU A 263 -14.03 -18.02 -32.09
N VAL A 264 -14.03 -17.41 -30.91
CA VAL A 264 -13.04 -17.75 -29.88
C VAL A 264 -13.01 -19.25 -29.58
N ALA A 265 -14.14 -19.90 -29.84
CA ALA A 265 -14.22 -21.36 -29.68
C ALA A 265 -13.21 -22.10 -30.59
N ASP A 266 -12.88 -21.48 -31.71
CA ASP A 266 -11.94 -22.05 -32.71
C ASP A 266 -10.47 -21.73 -32.43
N VAL A 267 -10.25 -20.95 -31.38
CA VAL A 267 -8.88 -20.54 -31.00
C VAL A 267 -8.39 -21.37 -29.82
N ASP A 268 -7.14 -21.83 -29.92
CA ASP A 268 -6.57 -22.71 -28.88
C ASP A 268 -5.99 -21.90 -27.71
N ALA A 269 -6.88 -21.14 -27.08
CA ALA A 269 -6.53 -20.39 -25.89
C ALA A 269 -7.73 -20.03 -25.04
N GLU A 270 -7.43 -19.77 -23.77
CA GLU A 270 -8.41 -19.25 -22.82
C GLU A 270 -8.49 -17.74 -22.99
N PHE A 271 -9.69 -17.23 -22.90
CA PHE A 271 -9.93 -15.79 -22.92
C PHE A 271 -10.46 -15.34 -21.57
N VAL A 272 -9.90 -14.25 -21.07
CA VAL A 272 -10.38 -13.67 -19.81
C VAL A 272 -10.81 -12.24 -20.01
N LEU A 273 -12.11 -12.03 -19.98
CA LEU A 273 -12.68 -10.67 -20.08
C LEU A 273 -12.88 -10.08 -18.70
N THR A 274 -12.21 -8.96 -18.45
CA THR A 274 -12.27 -8.29 -17.15
C THR A 274 -13.13 -7.06 -17.22
N LEU A 275 -14.13 -7.06 -16.37
CA LEU A 275 -14.92 -5.84 -16.12
C LEU A 275 -14.04 -4.83 -15.38
N GLY A 276 -14.37 -3.56 -15.59
CA GLY A 276 -13.86 -2.49 -14.72
C GLY A 276 -14.61 -2.50 -13.39
N GLY A 277 -14.10 -1.76 -12.41
CA GLY A 277 -14.89 -1.54 -11.19
C GLY A 277 -16.05 -0.64 -11.59
N GLY A 278 -17.22 -0.90 -11.06
CA GLY A 278 -18.36 -0.02 -11.33
C GLY A 278 -19.32 -0.53 -12.37
N ASP A 279 -18.83 -1.21 -13.41
CA ASP A 279 -19.79 -1.77 -14.37
C ASP A 279 -20.29 -3.13 -13.91
N LEU A 280 -21.58 -3.35 -14.18
CA LEU A 280 -22.28 -4.57 -13.79
C LEU A 280 -22.47 -5.48 -14.99
N ALA A 281 -22.28 -6.76 -14.78
CA ALA A 281 -22.50 -7.77 -15.84
C ALA A 281 -23.42 -8.92 -15.42
N LEU A 282 -24.33 -9.25 -16.35
CA LEU A 282 -25.22 -10.40 -16.21
C LEU A 282 -24.71 -11.57 -17.06
N LEU A 283 -24.18 -12.56 -16.39
CA LEU A 283 -23.45 -13.63 -17.05
C LEU A 283 -24.32 -14.86 -17.14
N GLY A 284 -24.51 -15.32 -18.37
CA GLY A 284 -25.24 -16.55 -18.67
C GLY A 284 -24.37 -17.62 -19.30
N GLU A 285 -24.82 -18.13 -20.45
CA GLU A 285 -24.04 -19.12 -21.21
C GLU A 285 -22.85 -18.48 -21.92
N LEU A 286 -21.70 -19.13 -21.74
CA LEU A 286 -20.44 -18.73 -22.41
C LEU A 286 -19.71 -19.88 -23.11
N PRO A 287 -18.94 -19.57 -24.17
CA PRO A 287 -18.14 -20.63 -24.74
C PRO A 287 -17.20 -21.22 -23.72
N ALA A 288 -16.81 -22.46 -23.95
CA ALA A 288 -16.06 -23.25 -22.98
C ALA A 288 -14.72 -22.65 -22.54
N ASN A 289 -14.22 -21.67 -23.29
CA ASN A 289 -12.91 -21.06 -23.03
C ASN A 289 -12.96 -19.54 -22.91
N VAL A 290 -14.14 -19.02 -22.61
CA VAL A 290 -14.28 -17.62 -22.25
C VAL A 290 -14.65 -17.55 -20.80
N ARG A 291 -13.89 -16.73 -20.11
CA ARG A 291 -14.15 -16.39 -18.73
C ARG A 291 -14.50 -14.92 -18.70
N VAL A 292 -15.64 -14.63 -18.07
CA VAL A 292 -16.01 -13.24 -17.81
C VAL A 292 -15.90 -13.02 -16.30
N VAL A 293 -15.16 -12.00 -15.95
CA VAL A 293 -14.62 -11.88 -14.60
C VAL A 293 -14.75 -10.52 -13.99
N GLU A 294 -14.96 -10.56 -12.67
CA GLU A 294 -15.02 -9.35 -11.83
C GLU A 294 -13.67 -8.69 -11.88
N TRP A 295 -13.63 -7.41 -11.54
CA TRP A 295 -12.39 -6.64 -11.64
C TRP A 295 -11.25 -7.34 -10.97
N ILE A 296 -10.10 -7.27 -11.64
CA ILE A 296 -8.85 -7.84 -11.14
C ILE A 296 -7.71 -6.89 -11.51
N PRO A 297 -6.68 -6.78 -10.67
CA PRO A 297 -5.49 -6.01 -11.05
C PRO A 297 -4.83 -6.52 -12.32
N LEU A 298 -4.79 -5.63 -13.28
CA LEU A 298 -4.34 -5.91 -14.65
C LEU A 298 -2.92 -6.51 -14.71
N GLY A 299 -2.03 -5.93 -13.93
CA GLY A 299 -0.63 -6.36 -13.87
C GLY A 299 -0.56 -7.80 -13.41
N ALA A 300 -1.40 -8.14 -12.45
CA ALA A 300 -1.45 -9.49 -11.91
C ALA A 300 -1.99 -10.42 -12.99
N LEU A 301 -3.02 -9.94 -13.67
CA LEU A 301 -3.65 -10.71 -14.76
C LEU A 301 -2.68 -10.98 -15.93
N LEU A 302 -2.03 -9.91 -16.38
CA LEU A 302 -1.16 -9.98 -17.59
C LEU A 302 0.07 -10.82 -17.36
N GLU A 303 0.46 -10.92 -16.11
CA GLU A 303 1.57 -11.77 -15.67
C GLU A 303 1.30 -13.24 -15.99
N THR A 304 0.04 -13.58 -16.25
CA THR A 304 -0.35 -14.96 -16.60
C THR A 304 -0.86 -15.09 -18.05
N CYS A 305 -0.79 -13.99 -18.78
CA CYS A 305 -1.33 -13.89 -20.15
C CYS A 305 -0.26 -13.85 -21.24
N ASP A 306 -0.64 -14.30 -22.43
CA ASP A 306 0.25 -14.28 -23.62
C ASP A 306 0.00 -13.13 -24.55
N ALA A 307 -1.14 -12.49 -24.35
CA ALA A 307 -1.53 -11.33 -25.17
C ALA A 307 -2.71 -10.57 -24.58
N ILE A 308 -2.92 -9.36 -25.08
CA ILE A 308 -4.03 -8.53 -24.58
C ILE A 308 -4.81 -7.86 -25.70
N ILE A 309 -6.12 -7.82 -25.51
CA ILE A 309 -7.00 -7.04 -26.37
C ILE A 309 -7.63 -5.97 -25.50
N HIS A 310 -7.39 -4.71 -25.85
CA HIS A 310 -7.90 -3.62 -25.03
C HIS A 310 -8.33 -2.45 -25.83
N HIS A 311 -8.73 -1.40 -25.13
CA HIS A 311 -9.40 -0.26 -25.75
C HIS A 311 -8.64 1.01 -25.70
N GLY A 312 -7.36 0.91 -25.37
CA GLY A 312 -6.40 2.02 -25.56
C GLY A 312 -6.14 2.92 -24.34
N GLY A 313 -6.70 2.55 -23.20
CA GLY A 313 -6.32 3.19 -21.93
C GLY A 313 -4.79 3.31 -21.82
N SER A 314 -4.30 4.49 -21.44
CA SER A 314 -2.85 4.75 -21.23
C SER A 314 -2.29 3.85 -20.10
N GLY A 315 -3.12 3.57 -19.10
CA GLY A 315 -2.76 2.63 -18.05
C GLY A 315 -2.52 1.24 -18.62
N THR A 316 -3.37 0.89 -19.58
CA THR A 316 -3.40 -0.48 -20.13
C THR A 316 -2.18 -0.75 -21.01
N LEU A 317 -1.90 0.20 -21.89
CA LEU A 317 -0.76 0.12 -22.80
C LEU A 317 0.56 -0.08 -22.07
N LEU A 318 0.84 0.80 -21.10
CA LEU A 318 2.14 0.77 -20.37
C LEU A 318 2.24 -0.47 -19.51
N THR A 319 1.13 -0.88 -18.95
CA THR A 319 1.10 -2.08 -18.11
C THR A 319 1.44 -3.28 -18.98
N ALA A 320 0.84 -3.30 -20.17
CA ALA A 320 1.04 -4.37 -21.13
C ALA A 320 2.49 -4.35 -21.67
N LEU A 321 3.01 -3.16 -21.93
CA LEU A 321 4.43 -2.98 -22.33
C LEU A 321 5.34 -3.58 -21.29
N ALA A 322 5.05 -3.25 -20.03
CA ALA A 322 5.80 -3.79 -18.89
C ALA A 322 5.76 -5.31 -18.84
N ALA A 323 4.61 -5.87 -19.17
CA ALA A 323 4.41 -7.31 -19.17
C ALA A 323 5.12 -7.99 -20.36
N GLY A 324 5.44 -7.20 -21.38
CA GLY A 324 6.11 -7.73 -22.59
C GLY A 324 5.20 -8.67 -23.37
N VAL A 325 4.00 -8.18 -23.59
CA VAL A 325 2.90 -8.99 -24.12
C VAL A 325 2.33 -8.27 -25.35
N PRO A 326 2.19 -8.97 -26.47
CA PRO A 326 1.65 -8.38 -27.69
C PRO A 326 0.25 -7.84 -27.48
N GLN A 327 -0.07 -6.78 -28.19
CA GLN A 327 -1.32 -6.08 -27.97
C GLN A 327 -2.14 -5.81 -29.21
N CYS A 328 -3.45 -5.89 -29.01
CA CYS A 328 -4.42 -5.43 -30.00
C CYS A 328 -5.33 -4.35 -29.41
N VAL A 329 -5.48 -3.27 -30.16
CA VAL A 329 -6.30 -2.14 -29.72
C VAL A 329 -7.52 -1.95 -30.58
N ILE A 330 -8.64 -1.92 -29.88
CA ILE A 330 -9.93 -1.60 -30.48
C ILE A 330 -10.13 -0.10 -30.29
N PRO A 331 -9.96 0.68 -31.35
CA PRO A 331 -9.98 2.09 -31.14
C PRO A 331 -11.39 2.65 -31.01
N HIS A 332 -11.45 3.89 -30.55
CA HIS A 332 -12.72 4.60 -30.35
C HIS A 332 -13.19 5.20 -31.66
N GLN A 336 -7.59 8.76 -29.58
CA GLN A 336 -6.31 8.41 -28.96
C GLN A 336 -5.32 7.80 -29.96
N ASP A 337 -5.32 8.34 -31.17
CA ASP A 337 -4.44 7.87 -32.26
C ASP A 337 -3.01 7.59 -31.77
N THR A 338 -2.62 8.30 -30.72
CA THR A 338 -1.31 8.17 -30.08
C THR A 338 -0.97 6.69 -29.93
N ASN A 339 -1.70 6.06 -29.03
CA ASN A 339 -1.50 4.66 -28.70
C ASN A 339 -1.53 3.78 -29.97
N ARG A 340 -2.41 4.11 -30.90
CA ARG A 340 -2.46 3.36 -32.19
C ARG A 340 -1.06 3.27 -32.83
N ASP A 341 -0.48 4.45 -32.99
CA ASP A 341 0.82 4.60 -33.65
C ASP A 341 1.93 3.96 -32.83
N VAL A 342 1.87 4.17 -31.52
CA VAL A 342 2.83 3.53 -30.63
C VAL A 342 2.87 2.03 -30.92
N LEU A 343 1.70 1.44 -30.99
CA LEU A 343 1.59 0.00 -31.22
C LEU A 343 2.22 -0.42 -32.54
N THR A 344 1.78 0.20 -33.63
CA THR A 344 2.26 -0.22 -34.95
C THR A 344 3.71 0.18 -35.14
N GLY A 345 4.03 1.34 -34.58
CA GLY A 345 5.34 1.95 -34.67
C GLY A 345 6.42 1.07 -34.10
N LEU A 346 6.14 0.51 -32.94
CA LEU A 346 7.12 -0.34 -32.26
C LEU A 346 7.11 -1.79 -32.74
N GLY A 347 6.08 -2.10 -33.52
CA GLY A 347 5.89 -3.47 -34.05
C GLY A 347 5.46 -4.41 -32.94
N ILE A 348 4.74 -3.84 -31.99
CA ILE A 348 4.31 -4.52 -30.76
C ILE A 348 2.88 -5.06 -30.84
N GLY A 349 2.11 -4.45 -31.73
CA GLY A 349 0.75 -4.90 -32.00
C GLY A 349 0.10 -4.21 -33.17
N PHE A 350 -1.22 -4.10 -33.10
CA PHE A 350 -2.03 -3.56 -34.19
C PHE A 350 -3.41 -3.15 -33.72
N ASP A 351 -4.12 -2.42 -34.57
CA ASP A 351 -5.51 -2.04 -34.26
C ASP A 351 -6.50 -2.89 -35.04
N ALA A 352 -7.66 -3.12 -34.44
CA ALA A 352 -8.74 -3.88 -35.07
C ALA A 352 -10.13 -3.35 -34.72
N GLU A 353 -10.98 -3.25 -35.72
CA GLU A 353 -12.38 -2.83 -35.52
C GLU A 353 -13.12 -3.94 -34.82
N ALA A 354 -13.82 -3.55 -33.76
CA ALA A 354 -14.61 -4.48 -32.93
C ALA A 354 -15.43 -5.48 -33.74
N GLY A 355 -16.04 -5.00 -34.81
CA GLY A 355 -16.96 -5.83 -35.63
C GLY A 355 -16.26 -6.76 -36.59
N SER A 356 -14.95 -6.62 -36.70
CA SER A 356 -14.11 -7.46 -37.60
C SER A 356 -13.27 -8.46 -36.81
N LEU A 357 -13.11 -8.15 -35.54
CA LEU A 357 -12.29 -8.93 -34.60
C LEU A 357 -12.74 -10.38 -34.47
N GLY A 358 -11.80 -11.27 -34.77
CA GLY A 358 -12.02 -12.73 -34.69
C GLY A 358 -10.77 -13.58 -34.49
N ALA A 359 -10.89 -14.87 -34.84
CA ALA A 359 -9.81 -15.85 -34.63
C ALA A 359 -8.51 -15.43 -35.30
N GLU A 360 -8.63 -14.89 -36.51
CA GLU A 360 -7.44 -14.49 -37.28
C GLU A 360 -6.49 -13.62 -36.47
N GLN A 361 -7.07 -12.61 -35.84
CA GLN A 361 -6.32 -11.60 -35.05
C GLN A 361 -5.73 -12.23 -33.81
N CYS A 362 -6.56 -13.05 -33.17
CA CYS A 362 -6.17 -13.78 -31.99
C CYS A 362 -4.94 -14.63 -32.26
N ARG A 363 -5.01 -15.37 -33.37
CA ARG A 363 -3.93 -16.31 -33.75
CA ARG A 363 -3.94 -16.30 -33.76
C ARG A 363 -2.66 -15.53 -34.05
N ARG A 364 -2.83 -14.37 -34.67
CA ARG A 364 -1.69 -13.49 -34.94
C ARG A 364 -1.02 -13.08 -33.63
N LEU A 365 -1.82 -12.58 -32.70
CA LEU A 365 -1.32 -12.18 -31.33
C LEU A 365 -0.56 -13.30 -30.64
N LEU A 366 -1.07 -14.52 -30.80
CA LEU A 366 -0.50 -15.71 -30.12
C LEU A 366 0.75 -16.26 -30.80
N ASP A 367 0.79 -16.20 -32.12
CA ASP A 367 1.77 -16.98 -32.91
C ASP A 367 2.80 -16.16 -33.70
N ASP A 368 2.54 -14.86 -33.85
CA ASP A 368 3.45 -13.96 -34.58
C ASP A 368 4.70 -13.65 -33.77
N ALA A 369 5.81 -14.21 -34.21
CA ALA A 369 7.08 -14.10 -33.49
C ALA A 369 7.56 -12.65 -33.45
N GLY A 370 7.25 -11.91 -34.51
CA GLY A 370 7.62 -10.49 -34.64
C GLY A 370 7.08 -9.65 -33.51
N LEU A 371 5.77 -9.78 -33.28
CA LEU A 371 5.09 -9.04 -32.22
C LEU A 371 5.69 -9.36 -30.85
N ARG A 372 5.95 -10.64 -30.65
CA ARG A 372 6.52 -11.13 -29.39
C ARG A 372 7.85 -10.48 -29.10
N GLU A 373 8.74 -10.58 -30.09
CA GLU A 373 10.12 -10.10 -29.97
C GLU A 373 10.19 -8.62 -29.62
N ALA A 374 9.36 -7.85 -30.30
CA ALA A 374 9.27 -6.41 -30.09
C ALA A 374 8.79 -6.07 -28.66
N ALA A 375 7.79 -6.81 -28.21
CA ALA A 375 7.21 -6.64 -26.87
C ALA A 375 8.26 -6.85 -25.81
N LEU A 376 8.97 -7.97 -25.90
CA LEU A 376 10.02 -8.35 -24.93
C LEU A 376 11.13 -7.31 -24.93
N ARG A 377 11.32 -6.72 -26.09
CA ARG A 377 12.38 -5.73 -26.31
C ARG A 377 12.08 -4.44 -25.54
N VAL A 378 10.82 -4.00 -25.62
CA VAL A 378 10.39 -2.79 -24.88
C VAL A 378 10.30 -3.06 -23.39
N ARG A 379 9.91 -4.27 -23.04
CA ARG A 379 9.90 -4.69 -21.64
C ARG A 379 11.28 -4.55 -21.05
N GLN A 380 12.26 -5.02 -21.80
CA GLN A 380 13.67 -4.95 -21.41
C GLN A 380 14.06 -3.50 -21.17
N GLU A 381 13.69 -2.68 -22.14
CA GLU A 381 13.99 -1.25 -22.13
C GLU A 381 13.43 -0.57 -20.86
N MET A 382 12.16 -0.83 -20.58
CA MET A 382 11.47 -0.31 -19.39
C MET A 382 12.18 -0.71 -18.09
N SER A 383 12.66 -1.92 -18.08
CA SER A 383 13.28 -2.50 -16.86
C SER A 383 14.67 -1.94 -16.56
N GLU A 384 15.24 -1.25 -17.54
CA GLU A 384 16.53 -0.56 -17.37
C GLU A 384 16.36 0.86 -16.84
N MET A 385 15.12 1.30 -16.79
CA MET A 385 14.80 2.62 -16.24
C MET A 385 14.81 2.57 -14.73
N PRO A 386 15.23 3.65 -14.07
CA PRO A 386 15.34 3.59 -12.61
C PRO A 386 14.00 3.27 -11.95
N PRO A 387 13.97 2.38 -10.97
CA PRO A 387 12.76 2.13 -10.25
C PRO A 387 12.40 3.28 -9.32
N PRO A 388 11.16 3.33 -8.85
CA PRO A 388 10.68 4.39 -8.00
C PRO A 388 11.51 4.63 -6.76
N ALA A 389 12.08 3.55 -6.24
CA ALA A 389 12.97 3.63 -5.08
C ALA A 389 14.15 4.57 -5.37
N GLU A 390 14.78 4.32 -6.50
CA GLU A 390 15.93 5.11 -6.97
C GLU A 390 15.54 6.57 -7.20
N THR A 391 14.39 6.76 -7.84
CA THR A 391 13.85 8.11 -8.09
C THR A 391 13.50 8.82 -6.77
N ALA A 392 12.99 8.07 -5.81
CA ALA A 392 12.68 8.61 -4.47
C ALA A 392 13.91 9.26 -3.83
N ALA A 393 15.03 8.55 -3.92
CA ALA A 393 16.30 8.99 -3.33
C ALA A 393 16.75 10.30 -3.93
N MLY A 394 16.63 10.41 -5.25
CA MLY A 394 17.08 11.64 -5.94
CB MLY A 394 16.90 11.61 -7.44
CG MLY A 394 18.11 11.10 -8.19
CD MLY A 394 17.90 11.23 -9.69
CE MLY A 394 18.50 12.53 -10.24
NZ MLY A 394 18.38 12.70 -11.71
CH1 MLY A 394 17.86 11.52 -12.42
CH2 MLY A 394 19.71 13.08 -12.24
C MLY A 394 16.25 12.81 -5.50
O MLY A 394 16.76 13.92 -5.34
N LEU A 395 14.97 12.57 -5.30
CA LEU A 395 14.03 13.61 -4.83
C LEU A 395 14.37 14.11 -3.43
N VAL A 396 14.74 13.19 -2.56
CA VAL A 396 15.17 13.56 -1.21
C VAL A 396 16.37 14.50 -1.29
N ALA A 397 17.28 14.17 -2.18
CA ALA A 397 18.48 14.98 -2.43
C ALA A 397 18.10 16.38 -2.93
N LEU A 398 17.16 16.45 -3.85
CA LEU A 398 16.68 17.74 -4.39
C LEU A 398 15.96 18.61 -3.34
N ALA A 399 15.21 17.96 -2.47
CA ALA A 399 14.46 18.66 -1.44
C ALA A 399 15.43 18.99 -0.31
N GLN B 21 15.09 -7.66 -14.42
CA GLN B 21 15.10 -9.13 -14.09
C GLN B 21 14.63 -9.35 -12.63
N SER B 22 13.32 -9.52 -12.47
CA SER B 22 12.65 -9.29 -11.16
C SER B 22 12.64 -10.43 -10.16
N MET B 23 13.03 -10.09 -8.94
CA MET B 23 13.03 -11.03 -7.80
C MET B 23 11.60 -11.17 -7.28
N ARG B 24 11.33 -12.30 -6.63
CA ARG B 24 9.97 -12.60 -6.16
C ARG B 24 9.89 -12.99 -4.70
N ALA B 25 9.06 -12.24 -3.97
CA ALA B 25 8.90 -12.42 -2.53
C ALA B 25 7.52 -12.89 -2.18
N LEU B 26 7.47 -14.09 -1.62
CA LEU B 26 6.21 -14.66 -1.14
C LEU B 26 6.12 -14.46 0.37
N PHE B 27 5.08 -13.74 0.75
CA PHE B 27 4.85 -13.38 2.15
C PHE B 27 3.82 -14.32 2.74
N ILE B 28 4.29 -15.17 3.64
CA ILE B 28 3.42 -16.19 4.25
C ILE B 28 3.24 -15.90 5.73
N THR B 29 2.07 -15.37 6.06
CA THR B 29 1.88 -14.75 7.38
C THR B 29 0.79 -15.40 8.19
N SER B 30 0.90 -15.24 9.50
CA SER B 30 -0.22 -15.58 10.41
C SER B 30 -1.51 -14.86 9.96
N PRO B 31 -2.69 -15.46 10.23
CA PRO B 31 -3.93 -14.88 9.76
C PRO B 31 -4.38 -13.61 10.48
N GLY B 32 -3.74 -13.35 11.61
CA GLY B 32 -4.08 -12.17 12.42
C GLY B 32 -3.58 -10.85 11.86
N LEU B 33 -4.51 -9.91 11.77
CA LEU B 33 -4.25 -8.53 11.31
C LEU B 33 -2.94 -7.96 11.84
N SER B 34 -2.70 -8.18 13.12
CA SER B 34 -1.58 -7.56 13.82
C SER B 34 -0.24 -8.14 13.38
N HIS B 35 -0.32 -9.30 12.75
CA HIS B 35 0.87 -10.00 12.24
C HIS B 35 1.17 -9.61 10.82
N ILE B 36 0.09 -9.32 10.10
CA ILE B 36 0.15 -8.93 8.67
C ILE B 36 0.65 -7.49 8.48
N LEU B 37 0.02 -6.56 9.19
CA LEU B 37 0.33 -5.12 9.03
C LEU B 37 1.83 -4.78 9.07
N PRO B 38 2.58 -5.29 10.04
CA PRO B 38 3.98 -4.91 10.11
C PRO B 38 4.86 -5.47 9.00
N THR B 39 4.30 -6.38 8.21
CA THR B 39 5.02 -6.88 7.02
C THR B 39 4.80 -5.99 5.79
N VAL B 40 3.84 -5.10 5.88
CA VAL B 40 3.44 -4.32 4.69
C VAL B 40 4.50 -3.32 4.21
N PRO B 41 5.10 -2.54 5.11
CA PRO B 41 6.09 -1.60 4.57
C PRO B 41 7.21 -2.25 3.77
N LEU B 42 7.65 -3.42 4.22
CA LEU B 42 8.69 -4.18 3.49
C LEU B 42 8.21 -4.60 2.11
N ALA B 43 7.00 -5.15 2.07
CA ALA B 43 6.40 -5.66 0.83
C ALA B 43 6.34 -4.52 -0.17
N GLN B 44 5.95 -3.40 0.37
CA GLN B 44 5.79 -2.16 -0.36
C GLN B 44 7.16 -1.67 -0.87
N ALA B 45 8.17 -1.88 -0.05
CA ALA B 45 9.53 -1.47 -0.39
C ALA B 45 10.05 -2.30 -1.56
N LEU B 46 9.84 -3.61 -1.50
CA LEU B 46 10.27 -4.51 -2.57
C LEU B 46 9.64 -4.12 -3.90
N ARG B 47 8.37 -3.75 -3.86
CA ARG B 47 7.71 -3.29 -5.06
C ARG B 47 8.32 -1.99 -5.58
N ALA B 48 8.70 -1.11 -4.66
CA ALA B 48 9.24 0.22 -5.01
C ALA B 48 10.57 0.10 -5.72
N LEU B 49 11.29 -0.97 -5.38
CA LEU B 49 12.51 -1.41 -6.07
C LEU B 49 12.30 -2.11 -7.41
N GLY B 50 11.06 -2.38 -7.76
CA GLY B 50 10.74 -2.95 -9.06
C GLY B 50 10.54 -4.44 -9.05
N HIS B 51 10.45 -4.98 -7.85
CA HIS B 51 10.31 -6.43 -7.65
C HIS B 51 8.89 -6.81 -7.39
N GLU B 52 8.69 -8.10 -7.24
CA GLU B 52 7.36 -8.66 -7.16
C GLU B 52 7.06 -9.20 -5.79
N VAL B 53 5.87 -8.87 -5.33
CA VAL B 53 5.42 -9.26 -4.00
C VAL B 53 4.06 -9.93 -4.09
N ARG B 54 3.92 -10.99 -3.30
CA ARG B 54 2.64 -11.66 -3.13
C ARG B 54 2.51 -12.26 -1.74
N TYR B 55 1.29 -12.22 -1.23
CA TYR B 55 0.95 -12.85 0.04
C TYR B 55 0.20 -14.16 -0.15
N ALA B 56 0.57 -15.10 0.69
CA ALA B 56 -0.20 -16.34 0.86
C ALA B 56 -0.52 -16.44 2.32
N THR B 57 -1.76 -16.14 2.64
CA THR B 57 -2.23 -16.09 4.01
C THR B 57 -3.74 -16.36 4.05
N GLY B 58 -4.29 -16.38 5.25
CA GLY B 58 -5.74 -16.49 5.44
C GLY B 58 -6.21 -15.51 6.47
N GLY B 59 -7.47 -15.59 6.84
CA GLY B 59 -7.98 -14.81 7.95
C GLY B 59 -8.26 -13.36 7.60
N ASP B 60 -7.41 -12.47 8.09
CA ASP B 60 -7.60 -11.01 7.90
C ASP B 60 -6.93 -10.51 6.61
N ILE B 61 -7.01 -11.39 5.62
CA ILE B 61 -6.37 -11.23 4.31
C ILE B 61 -6.80 -9.96 3.55
N ARG B 62 -7.99 -9.44 3.86
CA ARG B 62 -8.50 -8.22 3.21
C ARG B 62 -7.59 -7.03 3.46
N ALA B 63 -6.84 -7.13 4.55
CA ALA B 63 -5.88 -6.10 4.94
C ALA B 63 -4.79 -5.92 3.89
N VAL B 64 -4.32 -7.05 3.36
CA VAL B 64 -3.31 -7.05 2.28
C VAL B 64 -3.86 -6.30 1.08
N ALA B 65 -5.04 -6.69 0.64
CA ALA B 65 -5.69 -6.03 -0.49
C ALA B 65 -5.87 -4.53 -0.27
N GLU B 66 -6.18 -4.18 0.98
CA GLU B 66 -6.43 -2.77 1.37
C GLU B 66 -5.14 -1.96 1.45
N ALA B 67 -4.01 -2.65 1.37
CA ALA B 67 -2.67 -2.07 1.36
C ALA B 67 -2.11 -1.91 -0.07
N GLY B 68 -2.96 -2.22 -1.04
CA GLY B 68 -2.60 -2.16 -2.47
C GLY B 68 -1.77 -3.34 -2.97
N LEU B 69 -1.77 -4.41 -2.21
CA LEU B 69 -0.99 -5.59 -2.55
C LEU B 69 -1.91 -6.76 -2.89
N CYS B 70 -1.32 -7.81 -3.41
CA CYS B 70 -2.08 -8.98 -3.87
C CYS B 70 -1.88 -10.19 -2.97
N ALA B 71 -2.98 -10.88 -2.73
CA ALA B 71 -3.00 -12.03 -1.81
C ALA B 71 -3.80 -13.20 -2.33
N VAL B 72 -3.33 -14.38 -1.99
CA VAL B 72 -4.04 -15.60 -2.21
C VAL B 72 -4.51 -16.14 -0.87
N ASP B 73 -5.81 -16.37 -0.78
CA ASP B 73 -6.42 -17.00 0.38
C ASP B 73 -6.15 -18.51 0.36
N VAL B 74 -5.14 -18.90 1.11
CA VAL B 74 -4.69 -20.31 1.21
C VAL B 74 -5.62 -21.19 2.04
N SER B 75 -6.64 -20.60 2.63
CA SER B 75 -7.59 -21.36 3.47
C SER B 75 -9.03 -20.83 3.43
N PRO B 76 -9.61 -20.72 2.23
CA PRO B 76 -10.94 -20.12 2.13
C PRO B 76 -12.01 -20.80 2.96
N GLY B 77 -12.78 -19.96 3.64
CA GLY B 77 -13.94 -20.38 4.45
C GLY B 77 -13.61 -20.83 5.87
N VAL B 78 -12.37 -21.26 6.08
CA VAL B 78 -11.96 -21.85 7.36
C VAL B 78 -12.25 -20.95 8.56
N ASN B 79 -12.89 -21.55 9.56
CA ASN B 79 -13.18 -20.91 10.86
C ASN B 79 -11.97 -21.03 11.79
N TYR B 80 -11.26 -19.93 11.93
CA TYR B 80 -10.00 -19.90 12.69
C TYR B 80 -10.19 -19.93 14.20
N ALA B 81 -11.30 -19.35 14.65
CA ALA B 81 -11.65 -19.32 16.09
C ALA B 81 -11.53 -20.72 16.71
N LYS B 82 -12.10 -21.69 16.03
CA LYS B 82 -12.18 -23.08 16.52
C LYS B 82 -10.86 -23.84 16.42
N LEU B 83 -9.93 -23.28 15.65
CA LEU B 83 -8.58 -23.86 15.51
C LEU B 83 -7.67 -23.43 16.67
N PHE B 84 -7.80 -22.17 17.05
CA PHE B 84 -7.04 -21.64 18.19
C PHE B 84 -7.55 -22.23 19.50
N VAL B 85 -8.87 -22.30 19.58
CA VAL B 85 -9.56 -22.87 20.74
C VAL B 85 -10.53 -23.97 20.27
N PRO B 86 -10.04 -25.23 20.18
CA PRO B 86 -11.00 -26.21 19.67
C PRO B 86 -12.27 -26.36 20.47
N ASP B 87 -13.31 -26.77 19.77
CA ASP B 87 -14.62 -27.02 20.38
C ASP B 87 -14.59 -28.29 21.24
N ASP B 93 -6.63 -32.08 34.64
CA ASP B 93 -6.72 -31.84 36.09
C ASP B 93 -6.70 -30.35 36.46
N PRO B 94 -5.63 -29.62 36.06
CA PRO B 94 -4.46 -30.16 35.42
C PRO B 94 -3.26 -30.04 36.35
N MET B 95 -3.55 -30.07 37.64
CA MET B 95 -2.52 -30.11 38.69
C MET B 95 -1.59 -31.28 38.46
N HIS B 96 -2.15 -32.33 37.86
CA HIS B 96 -1.43 -33.60 37.66
C HIS B 96 -1.00 -33.83 36.24
N SER B 97 -1.07 -32.76 35.44
CA SER B 97 -0.73 -32.82 34.01
C SER B 97 0.71 -32.39 33.74
N GLU B 98 1.25 -32.83 32.60
CA GLU B 98 2.63 -32.54 32.19
C GLU B 98 2.72 -31.89 30.80
N GLY B 99 3.71 -31.01 30.62
CA GLY B 99 3.99 -30.36 29.32
C GLY B 99 3.34 -29.00 29.12
N LEU B 100 2.91 -28.41 30.23
CA LEU B 100 2.31 -27.07 30.21
C LEU B 100 3.43 -26.05 30.01
N GLY B 101 3.21 -25.16 29.05
CA GLY B 101 4.23 -24.21 28.62
C GLY B 101 4.36 -24.23 27.11
N GLU B 102 5.57 -24.02 26.63
CA GLU B 102 5.84 -23.96 25.17
C GLU B 102 5.03 -25.00 24.39
N GLY B 103 5.23 -26.27 24.75
CA GLY B 103 4.66 -27.43 24.05
C GLY B 103 3.20 -27.32 23.66
N PHE B 104 2.42 -26.76 24.56
CA PHE B 104 0.97 -26.55 24.34
C PHE B 104 0.72 -25.57 23.19
N PHE B 105 1.41 -24.45 23.26
CA PHE B 105 1.19 -23.34 22.32
C PHE B 105 1.77 -23.63 20.96
N ALA B 106 2.86 -24.37 20.96
CA ALA B 106 3.47 -24.84 19.71
C ALA B 106 2.44 -25.69 18.97
N GLU B 107 1.78 -26.58 19.72
CA GLU B 107 0.74 -27.46 19.17
C GLU B 107 -0.42 -26.66 18.59
N MET B 108 -0.76 -25.57 19.28
CA MET B 108 -1.84 -24.65 18.84
C MET B 108 -1.52 -23.98 17.51
N PHE B 109 -0.34 -23.37 17.47
CA PHE B 109 0.13 -22.68 16.27
C PHE B 109 0.25 -23.65 15.10
N ALA B 110 0.60 -24.89 15.43
CA ALA B 110 0.75 -25.96 14.42
C ALA B 110 -0.59 -26.27 13.79
N ARG B 111 -1.62 -26.43 14.62
CA ARG B 111 -2.97 -26.69 14.12
C ARG B 111 -3.37 -25.59 13.14
N VAL B 112 -3.07 -24.36 13.54
CA VAL B 112 -3.47 -23.13 12.79
C VAL B 112 -2.70 -22.98 11.49
N SER B 113 -1.40 -23.24 11.56
CA SER B 113 -0.51 -23.17 10.40
C SER B 113 -0.84 -24.25 9.36
N ALA B 114 -1.19 -25.42 9.87
CA ALA B 114 -1.46 -26.62 9.04
C ALA B 114 -2.45 -26.35 7.94
N VAL B 115 -3.51 -25.64 8.27
CA VAL B 115 -4.60 -25.39 7.30
C VAL B 115 -4.15 -24.46 6.15
N ALA B 116 -3.00 -23.83 6.33
CA ALA B 116 -2.41 -22.93 5.32
C ALA B 116 -1.41 -23.61 4.41
N VAL B 117 -0.95 -24.79 4.83
CA VAL B 117 0.18 -25.45 4.17
C VAL B 117 -0.03 -25.77 2.69
N ASP B 118 -1.16 -26.41 2.40
CA ASP B 118 -1.49 -26.81 1.03
C ASP B 118 -1.45 -25.61 0.07
N GLY B 119 -2.17 -24.56 0.47
CA GLY B 119 -2.31 -23.34 -0.33
C GLY B 119 -0.98 -22.63 -0.48
N ALA B 120 -0.24 -22.56 0.61
CA ALA B 120 1.06 -21.93 0.60
C ALA B 120 1.95 -22.61 -0.43
N LEU B 121 1.85 -23.93 -0.49
CA LEU B 121 2.72 -24.76 -1.35
C LEU B 121 2.30 -24.71 -2.83
N ARG B 122 1.00 -24.86 -3.07
CA ARG B 122 0.45 -24.63 -4.41
C ARG B 122 0.99 -23.32 -4.99
N THR B 123 0.84 -22.27 -4.20
CA THR B 123 1.13 -20.90 -4.63
C THR B 123 2.60 -20.74 -4.94
N ALA B 124 3.44 -21.24 -4.03
CA ALA B 124 4.90 -21.18 -4.20
C ALA B 124 5.34 -21.91 -5.48
N ARG B 125 4.68 -23.01 -5.78
CA ARG B 125 5.10 -23.86 -6.91
C ARG B 125 4.69 -23.27 -8.24
N SER B 126 3.56 -22.57 -8.24
CA SER B 126 3.08 -21.94 -9.47
C SER B 126 3.62 -20.52 -9.66
N TRP B 127 3.77 -19.80 -8.56
CA TRP B 127 4.28 -18.41 -8.61
C TRP B 127 5.78 -18.36 -8.59
N ARG B 128 6.38 -19.38 -8.03
CA ARG B 128 7.85 -19.54 -8.01
C ARG B 128 8.59 -18.35 -7.41
N PRO B 129 8.52 -18.15 -6.09
CA PRO B 129 9.28 -17.08 -5.48
C PRO B 129 10.73 -17.43 -5.31
N ASP B 130 11.52 -16.40 -5.03
CA ASP B 130 12.97 -16.52 -4.77
C ASP B 130 13.30 -16.41 -3.28
N LEU B 131 12.26 -16.16 -2.51
CA LEU B 131 12.38 -15.65 -1.13
C LEU B 131 11.05 -15.76 -0.43
N VAL B 132 11.08 -16.34 0.76
CA VAL B 132 9.89 -16.43 1.60
C VAL B 132 10.01 -15.53 2.81
N VAL B 133 9.06 -14.61 2.93
CA VAL B 133 8.95 -13.80 4.14
C VAL B 133 7.84 -14.37 5.02
N HIS B 134 8.16 -14.56 6.30
CA HIS B 134 7.14 -15.10 7.22
C HIS B 134 7.18 -14.51 8.60
N THR B 135 6.17 -14.86 9.37
CA THR B 135 6.01 -14.33 10.73
C THR B 135 6.25 -15.45 11.73
N PRO B 136 6.81 -15.12 12.91
CA PRO B 136 7.30 -16.09 13.90
C PRO B 136 6.48 -17.35 14.13
N THR B 137 5.16 -17.22 14.08
CA THR B 137 4.27 -18.37 14.41
C THR B 137 3.66 -19.09 13.21
N GLN B 138 3.82 -18.51 12.03
CA GLN B 138 3.23 -19.08 10.80
C GLN B 138 4.16 -20.16 10.30
N GLY B 139 3.84 -21.38 10.69
CA GLY B 139 4.68 -22.55 10.40
C GLY B 139 4.73 -22.95 8.94
N ALA B 140 3.73 -22.52 8.17
CA ALA B 140 3.66 -22.83 6.72
C ALA B 140 4.76 -22.12 5.96
N GLY B 141 5.32 -21.10 6.60
CA GLY B 141 6.37 -20.28 6.00
C GLY B 141 7.65 -21.07 5.82
N PRO B 142 8.29 -21.47 6.93
CA PRO B 142 9.53 -22.24 6.84
C PRO B 142 9.35 -23.56 6.11
N LEU B 143 8.18 -24.14 6.26
CA LEU B 143 7.88 -25.39 5.58
C LEU B 143 8.04 -25.17 4.07
N THR B 144 7.35 -24.14 3.59
CA THR B 144 7.33 -23.78 2.18
C THR B 144 8.74 -23.47 1.71
N ALA B 145 9.44 -22.68 2.52
CA ALA B 145 10.82 -22.28 2.22
C ALA B 145 11.72 -23.52 2.04
N ALA B 146 11.64 -24.45 2.99
CA ALA B 146 12.44 -25.68 2.93
C ALA B 146 12.08 -26.51 1.71
N ALA B 147 10.79 -26.60 1.44
CA ALA B 147 10.27 -27.42 0.33
C ALA B 147 10.76 -26.96 -1.05
N LEU B 148 11.03 -25.67 -1.17
CA LEU B 148 11.49 -25.10 -2.44
C LEU B 148 12.96 -24.76 -2.39
N GLN B 149 13.56 -25.14 -1.26
CA GLN B 149 14.97 -24.87 -0.98
C GLN B 149 15.27 -23.39 -1.18
N LEU B 150 14.54 -22.59 -0.42
CA LEU B 150 14.62 -21.11 -0.48
C LEU B 150 15.01 -20.52 0.88
N PRO B 151 15.67 -19.35 0.86
CA PRO B 151 15.93 -18.70 2.12
C PRO B 151 14.65 -18.10 2.66
N CYS B 152 14.58 -17.99 3.98
CA CYS B 152 13.44 -17.29 4.57
C CYS B 152 13.77 -16.24 5.61
N VAL B 153 12.92 -15.24 5.61
CA VAL B 153 13.11 -14.02 6.39
C VAL B 153 11.97 -13.86 7.37
N GLU B 154 12.33 -13.81 8.64
CA GLU B 154 11.33 -13.72 9.70
C GLU B 154 11.09 -12.26 10.11
N LEU B 155 9.84 -11.85 9.98
CA LEU B 155 9.45 -10.47 10.29
C LEU B 155 8.46 -10.41 11.48
N PRO B 156 8.96 -10.07 12.68
CA PRO B 156 8.05 -10.02 13.81
C PRO B 156 7.32 -8.71 13.94
N LEU B 157 6.21 -8.75 14.68
CA LEU B 157 5.35 -7.58 14.88
C LEU B 157 5.89 -6.64 15.95
N GLY B 158 6.86 -7.14 16.71
CA GLY B 158 7.49 -6.36 17.78
C GLY B 158 8.35 -7.15 18.73
N PRO B 159 8.75 -6.54 19.84
CA PRO B 159 9.64 -7.16 20.83
C PRO B 159 9.10 -8.45 21.48
N ALA B 160 7.78 -8.51 21.68
CA ALA B 160 7.13 -9.70 22.28
C ALA B 160 7.18 -10.93 21.36
N ASP B 161 6.86 -10.69 20.09
CA ASP B 161 6.89 -11.71 19.02
C ASP B 161 8.24 -12.41 18.96
N SER B 162 9.29 -11.64 19.25
CA SER B 162 10.69 -12.09 19.17
C SER B 162 11.00 -13.20 20.18
N GLU B 163 10.80 -14.44 19.72
CA GLU B 163 11.12 -15.62 20.50
C GLU B 163 11.48 -16.83 19.61
N PRO B 164 12.78 -16.97 19.25
CA PRO B 164 13.14 -18.21 18.58
C PRO B 164 13.22 -19.38 19.56
N GLY B 165 13.05 -20.58 19.02
CA GLY B 165 12.91 -21.79 19.84
C GLY B 165 11.52 -22.36 19.60
N LEU B 166 10.55 -21.47 19.75
CA LEU B 166 9.16 -21.73 19.39
C LEU B 166 9.06 -22.13 17.92
N GLY B 167 9.83 -21.45 17.08
CA GLY B 167 9.85 -21.77 15.64
C GLY B 167 10.18 -23.24 15.47
N ALA B 168 11.26 -23.64 16.14
CA ALA B 168 11.73 -25.02 16.15
C ALA B 168 10.65 -25.97 16.65
N LEU B 169 9.97 -25.57 17.72
CA LEU B 169 8.91 -26.40 18.34
C LEU B 169 7.71 -26.57 17.41
N ILE B 170 7.40 -25.51 16.67
CA ILE B 170 6.29 -25.54 15.72
C ILE B 170 6.62 -26.53 14.61
N ARG B 171 7.84 -26.44 14.11
CA ARG B 171 8.33 -27.34 13.05
C ARG B 171 8.17 -28.78 13.49
N ARG B 172 8.57 -29.04 14.73
CA ARG B 172 8.45 -30.37 15.34
C ARG B 172 7.00 -30.82 15.38
N ALA B 173 6.14 -29.94 15.89
CA ALA B 173 4.71 -30.24 16.04
C ALA B 173 3.97 -30.36 14.69
N MET B 174 4.67 -29.97 13.62
CA MET B 174 4.13 -30.03 12.24
C MET B 174 4.77 -31.12 11.38
N SER B 175 5.40 -32.06 12.08
CA SER B 175 6.15 -33.17 11.46
C SER B 175 5.35 -33.95 10.43
N LYS B 176 4.07 -34.18 10.72
CA LYS B 176 3.21 -34.92 9.78
C LYS B 176 2.99 -34.16 8.47
N ASP B 177 2.96 -32.83 8.59
CA ASP B 177 2.77 -31.95 7.43
C ASP B 177 4.01 -31.95 6.53
N TYR B 178 5.15 -31.89 7.17
CA TYR B 178 6.45 -32.04 6.49
C TYR B 178 6.57 -33.40 5.78
N GLU B 179 6.11 -34.43 6.48
CA GLU B 179 6.07 -35.81 5.95
C GLU B 179 5.14 -35.93 4.76
N ARG B 180 3.94 -35.38 4.90
CA ARG B 180 2.88 -35.48 3.87
C ARG B 180 3.30 -34.87 2.55
N HIS B 181 4.14 -33.84 2.62
CA HIS B 181 4.62 -33.12 1.41
C HIS B 181 6.05 -33.41 1.07
N GLY B 182 6.63 -34.36 1.78
CA GLY B 182 7.97 -34.86 1.48
C GLY B 182 9.06 -33.83 1.71
N VAL B 183 8.77 -32.90 2.60
CA VAL B 183 9.76 -31.88 2.97
C VAL B 183 10.66 -32.43 4.06
N THR B 184 11.90 -32.69 3.67
CA THR B 184 12.89 -33.27 4.59
C THR B 184 14.07 -32.34 4.79
N GLY B 185 14.06 -31.23 4.06
CA GLY B 185 15.20 -30.30 4.03
C GLY B 185 15.17 -29.15 5.01
N GLU B 186 15.97 -28.15 4.67
CA GLU B 186 16.12 -26.92 5.48
C GLU B 186 16.09 -25.69 4.55
N PRO B 187 15.59 -24.54 5.07
CA PRO B 187 15.84 -23.34 4.29
C PRO B 187 17.34 -23.09 4.20
N THR B 188 17.78 -22.71 3.00
CA THR B 188 19.21 -22.44 2.73
C THR B 188 19.67 -21.29 3.60
N GLY B 189 18.94 -20.19 3.48
CA GLY B 189 19.12 -19.01 4.32
C GLY B 189 18.01 -18.83 5.35
N SER B 190 18.39 -18.33 6.51
CA SER B 190 17.40 -18.01 7.55
C SER B 190 17.77 -16.74 8.26
N VAL B 191 17.25 -15.66 7.70
CA VAL B 191 17.48 -14.33 8.25
C VAL B 191 16.36 -13.94 9.20
N ARG B 192 16.71 -13.07 10.11
CA ARG B 192 15.74 -12.52 11.06
C ARG B 192 15.85 -11.02 11.09
N LEU B 193 14.72 -10.36 10.95
CA LEU B 193 14.68 -8.90 11.04
C LEU B 193 14.14 -8.48 12.40
N THR B 194 14.69 -7.40 12.94
CA THR B 194 14.06 -6.69 14.07
C THR B 194 13.87 -5.22 13.80
N THR B 195 12.73 -4.74 14.28
CA THR B 195 12.38 -3.34 14.19
C THR B 195 12.52 -2.70 15.55
N THR B 196 12.96 -3.52 16.49
CA THR B 196 13.19 -3.08 17.88
C THR B 196 14.49 -2.27 18.02
N PRO B 197 14.40 -1.02 18.47
CA PRO B 197 15.61 -0.21 18.62
C PRO B 197 16.53 -0.73 19.73
N PRO B 198 17.85 -0.57 19.59
CA PRO B 198 18.89 -1.10 20.49
C PRO B 198 18.65 -0.85 21.97
N SER B 199 18.15 0.32 22.32
CA SER B 199 17.98 0.67 23.75
C SER B 199 16.81 -0.08 24.36
N VAL B 200 15.83 -0.38 23.54
CA VAL B 200 14.70 -1.21 23.97
C VAL B 200 15.15 -2.67 24.08
N GLU B 201 15.92 -3.10 23.09
CA GLU B 201 16.50 -4.46 23.07
C GLU B 201 17.29 -4.74 24.33
N ALA B 202 18.11 -3.77 24.72
CA ALA B 202 18.97 -3.86 25.92
C ALA B 202 18.18 -4.27 27.16
N LEU B 203 16.95 -3.78 27.23
CA LEU B 203 16.08 -3.95 28.40
C LEU B 203 15.26 -5.24 28.39
N LEU B 204 15.31 -5.96 27.29
CA LEU B 204 14.67 -7.30 27.22
C LEU B 204 15.56 -8.36 27.89
N PRO B 205 14.95 -9.43 28.46
CA PRO B 205 15.75 -10.55 28.96
C PRO B 205 16.63 -11.16 27.88
N GLU B 206 17.70 -11.80 28.32
CA GLU B 206 18.78 -12.26 27.41
C GLU B 206 18.33 -13.25 26.32
N ASP B 207 17.59 -14.27 26.71
CA ASP B 207 17.08 -15.28 25.73
C ASP B 207 15.92 -14.74 24.88
N ARG B 208 15.32 -13.65 25.35
CA ARG B 208 14.21 -12.94 24.65
C ARG B 208 14.69 -11.93 23.60
N ARG B 209 15.99 -11.71 23.54
CA ARG B 209 16.61 -10.80 22.55
C ARG B 209 17.35 -11.54 21.42
N SER B 210 17.51 -10.85 20.29
CA SER B 210 17.98 -11.50 19.03
C SER B 210 19.20 -10.84 18.35
N PRO B 211 20.41 -11.26 18.75
CA PRO B 211 21.55 -10.77 18.01
C PRO B 211 21.63 -11.48 16.69
N GLY B 212 22.35 -10.89 15.76
CA GLY B 212 22.43 -11.44 14.40
C GLY B 212 21.20 -11.15 13.55
N ALA B 213 20.17 -10.58 14.17
CA ALA B 213 18.99 -10.12 13.44
C ALA B 213 19.37 -8.84 12.74
N TRP B 214 18.79 -8.60 11.56
CA TRP B 214 19.03 -7.33 10.85
C TRP B 214 18.12 -6.27 11.38
N PRO B 215 18.69 -5.14 11.77
CA PRO B 215 17.84 -4.05 12.15
C PRO B 215 17.14 -3.50 10.92
N MET B 216 15.89 -3.12 11.12
CA MET B 216 15.08 -2.41 10.12
C MET B 216 14.26 -1.36 10.85
N ARG B 217 14.15 -0.19 10.26
CA ARG B 217 13.36 0.88 10.87
C ARG B 217 11.90 0.44 10.97
N TYR B 218 11.32 0.69 12.13
CA TYR B 218 9.88 0.42 12.32
C TYR B 218 9.13 1.54 11.67
N VAL B 219 8.51 1.21 10.53
CA VAL B 219 7.63 2.16 9.85
C VAL B 219 6.18 1.81 10.16
N PRO B 220 5.52 2.63 10.97
CA PRO B 220 4.17 2.26 11.38
C PRO B 220 3.24 2.15 10.21
N TYR B 221 2.43 1.10 10.21
CA TYR B 221 1.36 0.94 9.23
C TYR B 221 0.15 0.28 9.82
N ASN B 222 -1.00 0.89 9.56
CA ASN B 222 -2.32 0.44 10.07
C ASN B 222 -3.43 0.55 9.05
N GLY B 223 -3.08 1.04 7.89
CA GLY B 223 -4.01 1.25 6.81
C GLY B 223 -3.99 2.70 6.39
N GLY B 224 -4.59 2.93 5.23
CA GLY B 224 -4.75 4.25 4.68
C GLY B 224 -6.11 4.77 5.04
N ALA B 225 -6.32 6.03 4.73
CA ALA B 225 -7.52 6.73 5.15
C ALA B 225 -7.68 8.06 4.48
N VAL B 226 -8.93 8.48 4.36
CA VAL B 226 -9.20 9.88 4.11
C VAL B 226 -9.26 10.50 5.51
N LEU B 227 -8.37 11.43 5.77
CA LEU B 227 -8.19 11.95 7.12
C LEU B 227 -9.30 12.97 7.46
N PRO B 228 -9.83 12.91 8.69
CA PRO B 228 -10.90 13.80 9.07
C PRO B 228 -10.42 15.23 9.26
N ASP B 229 -11.38 16.15 9.12
CA ASP B 229 -11.13 17.62 9.21
C ASP B 229 -10.50 18.08 10.51
N TRP B 230 -10.90 17.42 11.60
CA TRP B 230 -10.48 17.80 12.95
C TRP B 230 -9.08 17.40 13.31
N LEU B 231 -8.47 16.60 12.47
CA LEU B 231 -7.14 16.00 12.76
C LEU B 231 -6.04 17.04 12.96
N PRO B 232 -5.91 18.00 12.03
CA PRO B 232 -4.91 19.04 12.21
C PRO B 232 -5.16 19.78 13.52
N PRO B 233 -4.13 19.86 14.38
CA PRO B 233 -4.26 20.51 15.67
C PRO B 233 -4.72 21.95 15.52
N ALA B 234 -5.49 22.41 16.48
CA ALA B 234 -6.07 23.75 16.43
C ALA B 234 -5.50 24.61 17.55
N ALA B 235 -5.17 25.86 17.22
CA ALA B 235 -4.70 26.83 18.22
C ALA B 235 -3.70 26.23 19.18
N GLY B 236 -2.76 25.48 18.63
CA GLY B 236 -1.69 24.87 19.42
C GLY B 236 -2.24 24.25 20.70
N ARG B 237 -3.52 23.92 20.68
CA ARG B 237 -4.14 23.20 21.78
C ARG B 237 -3.52 21.82 21.85
N ARG B 238 -3.05 21.46 23.03
CA ARG B 238 -2.43 20.16 23.28
C ARG B 238 -3.40 19.03 23.04
N ARG B 239 -2.86 17.83 22.84
CA ARG B 239 -3.68 16.65 22.55
C ARG B 239 -3.09 15.38 23.14
N ILE B 240 -3.97 14.57 23.72
CA ILE B 240 -3.59 13.25 24.24
C ILE B 240 -4.39 12.13 23.56
N ALA B 241 -3.66 11.22 22.92
CA ALA B 241 -4.29 10.04 22.33
C ALA B 241 -4.57 9.02 23.41
N VAL B 242 -5.74 8.43 23.36
CA VAL B 242 -6.10 7.31 24.25
C VAL B 242 -6.58 6.09 23.47
N THR B 243 -5.97 4.95 23.73
CA THR B 243 -6.39 3.69 23.09
C THR B 243 -7.13 2.72 24.01
N LEU B 244 -7.82 1.75 23.41
CA LEU B 244 -8.58 0.73 24.17
C LEU B 244 -7.87 -0.61 24.28
N GLY B 245 -6.89 -0.80 23.42
CA GLY B 245 -6.15 -2.05 23.33
C GLY B 245 -7.04 -3.26 23.14
N SER B 246 -7.00 -4.16 24.12
CA SER B 246 -7.67 -5.48 24.07
C SER B 246 -9.10 -5.48 24.60
N ILE B 247 -9.53 -4.34 25.13
CA ILE B 247 -10.91 -4.19 25.68
C ILE B 247 -11.95 -4.61 24.66
N ASP B 248 -12.84 -5.50 25.09
CA ASP B 248 -13.89 -6.05 24.21
C ASP B 248 -15.28 -5.47 24.49
N ALA B 249 -16.13 -5.60 23.48
CA ALA B 249 -17.48 -5.07 23.50
C ALA B 249 -18.55 -6.15 23.71
N LEU B 250 -19.30 -6.12 24.81
CA LEU B 250 -19.03 -5.24 25.95
C LEU B 250 -18.97 -6.07 27.20
N SER B 251 -17.75 -6.16 27.72
CA SER B 251 -17.43 -6.90 28.95
C SER B 251 -17.51 -5.99 30.17
N GLY B 252 -17.73 -4.72 29.89
CA GLY B 252 -17.74 -3.68 30.91
C GLY B 252 -16.38 -3.04 30.99
N GLY B 253 -15.38 -3.66 30.35
CA GLY B 253 -13.99 -3.21 30.40
C GLY B 253 -13.78 -1.72 30.32
N ILE B 254 -14.58 -1.06 29.49
CA ILE B 254 -14.47 0.38 29.24
C ILE B 254 -14.76 1.19 30.50
N ALA B 255 -15.58 0.62 31.36
CA ALA B 255 -15.90 1.21 32.68
C ALA B 255 -14.60 1.50 33.42
N LYS B 256 -13.56 0.74 33.07
CA LYS B 256 -12.24 0.86 33.68
C LYS B 256 -11.65 2.25 33.45
N LEU B 257 -12.26 3.00 32.54
CA LEU B 257 -11.76 4.32 32.12
C LEU B 257 -12.58 5.48 32.67
N ALA B 258 -13.54 5.16 33.51
CA ALA B 258 -14.46 6.15 34.08
C ALA B 258 -13.73 7.17 34.95
N PRO B 259 -12.79 6.69 35.78
CA PRO B 259 -12.06 7.57 36.68
C PRO B 259 -11.22 8.63 35.97
N LEU B 260 -10.59 8.20 34.89
CA LEU B 260 -9.84 9.12 34.02
C LEU B 260 -10.74 10.21 33.42
N PHE B 261 -11.94 9.82 33.03
CA PHE B 261 -12.91 10.71 32.35
C PHE B 261 -13.56 11.70 33.29
N SER B 262 -13.62 11.30 34.54
CA SER B 262 -14.20 12.14 35.61
C SER B 262 -13.28 13.32 35.91
N GLU B 263 -12.05 13.25 35.41
CA GLU B 263 -11.02 14.29 35.68
C GLU B 263 -10.58 15.07 34.44
N VAL B 264 -10.62 14.45 33.27
CA VAL B 264 -10.08 15.05 32.03
C VAL B 264 -10.59 16.47 31.78
N ALA B 265 -11.78 16.75 32.28
CA ALA B 265 -12.37 18.10 32.17
C ALA B 265 -11.49 19.15 32.87
N ASP B 266 -10.73 18.71 33.87
CA ASP B 266 -9.84 19.62 34.64
C ASP B 266 -8.46 19.81 33.99
N VAL B 267 -8.22 19.09 32.91
CA VAL B 267 -6.93 19.14 32.19
C VAL B 267 -7.03 20.01 30.96
N ASP B 268 -6.01 20.83 30.76
CA ASP B 268 -6.00 21.82 29.65
C ASP B 268 -5.51 21.18 28.34
N ALA B 269 -6.23 20.13 27.93
CA ALA B 269 -5.91 19.37 26.71
C ALA B 269 -7.11 18.68 26.10
N GLU B 270 -7.01 18.45 24.80
CA GLU B 270 -7.96 17.60 24.07
C GLU B 270 -7.56 16.16 24.23
N PHE B 271 -8.54 15.30 24.40
CA PHE B 271 -8.31 13.86 24.41
C PHE B 271 -8.98 13.22 23.20
N VAL B 272 -8.24 12.34 22.52
CA VAL B 272 -8.79 11.61 21.38
C VAL B 272 -8.76 10.11 21.63
N LEU B 273 -9.95 9.55 21.79
CA LEU B 273 -10.10 8.10 22.03
C LEU B 273 -10.33 7.34 20.73
N THR B 274 -9.45 6.39 20.44
CA THR B 274 -9.58 5.55 19.22
C THR B 274 -10.06 4.16 19.57
N LEU B 275 -11.21 3.81 19.04
CA LEU B 275 -11.79 2.46 19.27
C LEU B 275 -11.00 1.41 18.52
N GLY B 276 -10.41 1.88 17.42
CA GLY B 276 -9.40 1.17 16.62
C GLY B 276 -9.89 -0.17 16.15
N GLY B 277 -11.16 -0.18 15.78
CA GLY B 277 -11.87 -1.40 15.46
C GLY B 277 -12.93 -1.21 14.40
N GLY B 278 -13.42 -2.34 13.90
CA GLY B 278 -14.40 -2.35 12.84
C GLY B 278 -15.78 -2.01 13.34
N ASP B 279 -16.25 -0.82 12.97
CA ASP B 279 -17.65 -0.43 13.14
C ASP B 279 -18.07 -0.31 14.61
N LEU B 280 -17.08 -0.22 15.49
CA LEU B 280 -17.33 -0.07 16.95
C LEU B 280 -18.02 1.26 17.27
N ALA B 281 -18.84 1.22 18.32
CA ALA B 281 -19.50 2.45 18.80
C ALA B 281 -19.34 2.65 20.32
N LEU B 282 -19.05 3.89 20.69
CA LEU B 282 -19.08 4.28 22.11
C LEU B 282 -20.38 4.95 22.46
N LEU B 283 -20.96 4.49 23.55
CA LEU B 283 -22.21 5.05 24.06
C LEU B 283 -22.12 5.59 25.48
N GLY B 284 -22.68 6.77 25.67
CA GLY B 284 -22.72 7.43 26.97
C GLY B 284 -22.14 8.82 27.03
N GLU B 285 -22.42 9.50 28.14
CA GLU B 285 -21.93 10.86 28.35
C GLU B 285 -20.42 10.83 28.57
N LEU B 286 -19.74 11.60 27.72
CA LEU B 286 -18.29 11.82 27.83
C LEU B 286 -18.00 13.27 28.10
N PRO B 287 -16.87 13.55 28.77
CA PRO B 287 -16.56 14.94 28.96
C PRO B 287 -16.38 15.66 27.65
N ALA B 288 -16.58 16.96 27.67
CA ALA B 288 -16.60 17.79 26.45
C ALA B 288 -15.27 17.80 25.68
N ASN B 289 -14.17 17.73 26.44
CA ASN B 289 -12.81 17.74 25.85
C ASN B 289 -12.34 16.35 25.40
N VAL B 290 -13.30 15.44 25.29
CA VAL B 290 -13.01 14.09 24.84
C VAL B 290 -13.70 13.86 23.53
N ARG B 291 -12.88 13.44 22.57
CA ARG B 291 -13.33 13.13 21.22
C ARG B 291 -13.19 11.65 20.92
N VAL B 292 -14.23 11.10 20.31
CA VAL B 292 -14.24 9.68 20.00
C VAL B 292 -14.15 9.53 18.49
N VAL B 293 -13.13 8.79 18.07
CA VAL B 293 -13.00 8.42 16.67
C VAL B 293 -13.20 6.92 16.54
N GLU B 294 -14.04 6.55 15.60
CA GLU B 294 -14.34 5.12 15.35
C GLU B 294 -13.04 4.39 15.08
N TRP B 295 -12.36 4.84 14.03
CA TRP B 295 -11.06 4.31 13.63
C TRP B 295 -10.21 5.33 12.93
N ILE B 296 -8.90 5.28 13.20
CA ILE B 296 -7.96 6.18 12.55
C ILE B 296 -6.57 5.55 12.50
N PRO B 297 -5.80 5.79 11.43
CA PRO B 297 -4.40 5.39 11.49
C PRO B 297 -3.65 6.09 12.63
N LEU B 298 -3.15 5.24 13.53
CA LEU B 298 -2.49 5.65 14.76
C LEU B 298 -1.31 6.57 14.54
N GLY B 299 -0.51 6.21 13.55
CA GLY B 299 0.68 6.98 13.20
C GLY B 299 0.29 8.40 12.81
N ALA B 300 -0.79 8.50 12.06
CA ALA B 300 -1.29 9.80 11.60
C ALA B 300 -1.77 10.57 12.81
N LEU B 301 -2.46 9.85 13.69
CA LEU B 301 -3.00 10.45 14.90
C LEU B 301 -1.90 10.97 15.84
N LEU B 302 -0.93 10.11 16.10
CA LEU B 302 0.15 10.41 17.07
C LEU B 302 1.04 11.55 16.59
N GLU B 303 1.11 11.70 15.29
CA GLU B 303 1.86 12.82 14.65
C GLU B 303 1.31 14.17 15.06
N THR B 304 0.10 14.19 15.59
CA THR B 304 -0.54 15.44 16.08
C THR B 304 -0.76 15.46 17.60
N CYS B 305 -0.26 14.42 18.26
CA CYS B 305 -0.41 14.25 19.70
C CYS B 305 0.86 14.56 20.50
N ASP B 306 0.64 15.05 21.71
CA ASP B 306 1.73 15.38 22.64
C ASP B 306 2.02 14.24 23.59
N ALA B 307 1.09 13.30 23.68
CA ALA B 307 1.23 12.11 24.55
C ALA B 307 0.22 11.01 24.23
N ILE B 308 0.48 9.81 24.73
CA ILE B 308 -0.45 8.70 24.55
C ILE B 308 -0.72 7.93 25.83
N ILE B 309 -1.98 7.53 26.00
CA ILE B 309 -2.39 6.61 27.07
C ILE B 309 -2.88 5.34 26.42
N HIS B 310 -2.22 4.24 26.73
CA HIS B 310 -2.55 2.96 26.09
C HIS B 310 -2.44 1.76 26.98
N HIS B 311 -2.77 0.60 26.41
CA HIS B 311 -2.84 -0.66 27.13
C HIS B 311 -1.80 -1.66 26.75
N GLY B 312 -0.80 -1.23 25.98
CA GLY B 312 0.32 -2.12 25.61
C GLY B 312 0.01 -3.07 24.49
N GLY B 313 -1.01 -2.74 23.71
CA GLY B 313 -1.36 -3.47 22.50
C GLY B 313 -0.25 -3.62 21.47
N SER B 314 -0.49 -4.57 20.56
CA SER B 314 0.41 -4.83 19.42
C SER B 314 0.75 -3.55 18.65
N GLY B 315 1.96 -3.08 18.84
CA GLY B 315 2.53 -2.06 18.00
C GLY B 315 2.17 -0.65 18.37
N THR B 316 1.39 -0.50 19.43
CA THR B 316 1.12 0.84 19.97
C THR B 316 2.41 1.45 20.49
N LEU B 317 3.16 0.64 21.21
CA LEU B 317 4.43 1.09 21.82
C LEU B 317 5.42 1.60 20.77
N LEU B 318 5.64 0.79 19.74
CA LEU B 318 6.64 1.14 18.69
C LEU B 318 6.20 2.31 17.84
N THR B 319 4.90 2.37 17.61
CA THR B 319 4.33 3.50 16.87
C THR B 319 4.55 4.78 17.68
N ALA B 320 4.32 4.67 18.98
CA ALA B 320 4.46 5.80 19.93
C ALA B 320 5.93 6.22 20.04
N LEU B 321 6.80 5.22 20.10
CA LEU B 321 8.25 5.46 20.09
C LEU B 321 8.66 6.22 18.82
N ALA B 322 8.17 5.76 17.69
CA ALA B 322 8.45 6.39 16.38
C ALA B 322 7.97 7.84 16.35
N ALA B 323 6.83 8.09 16.99
CA ALA B 323 6.28 9.44 17.04
C ALA B 323 7.06 10.36 17.99
N GLY B 324 7.82 9.75 18.89
CA GLY B 324 8.59 10.53 19.88
C GLY B 324 7.71 11.24 20.90
N VAL B 325 6.78 10.46 21.45
CA VAL B 325 5.70 10.96 22.29
C VAL B 325 5.69 10.20 23.63
N PRO B 326 5.65 10.95 24.78
CA PRO B 326 5.64 10.32 26.10
C PRO B 326 4.44 9.42 26.28
N GLN B 327 4.63 8.36 27.06
CA GLN B 327 3.59 7.34 27.16
C GLN B 327 3.22 6.93 28.56
N CYS B 328 1.93 6.63 28.70
CA CYS B 328 1.39 5.98 29.88
C CYS B 328 0.70 4.67 29.52
N VAL B 329 1.05 3.63 30.26
CA VAL B 329 0.53 2.29 30.02
C VAL B 329 -0.32 1.76 31.16
N ILE B 330 -1.45 1.17 30.80
CA ILE B 330 -2.35 0.53 31.76
C ILE B 330 -2.22 -0.99 31.65
N PRO B 331 -1.46 -1.64 32.56
CA PRO B 331 -1.40 -3.09 32.37
C PRO B 331 -2.61 -3.80 32.94
N HIS B 332 -2.65 -5.11 32.73
CA HIS B 332 -3.69 -5.99 33.27
C HIS B 332 -3.23 -6.63 34.54
N GLY B 333 -3.72 -6.11 35.66
CA GLY B 333 -3.32 -6.57 36.99
C GLY B 333 -1.89 -6.20 37.34
N THR B 338 4.46 -6.73 32.95
CA THR B 338 5.57 -7.41 32.36
C THR B 338 5.83 -6.84 30.97
N ASN B 339 7.09 -6.47 30.72
CA ASN B 339 7.51 -5.85 29.44
C ASN B 339 7.23 -4.36 29.36
N ARG B 340 6.48 -3.88 30.36
CA ARG B 340 6.23 -2.45 30.58
C ARG B 340 7.49 -1.76 31.03
N ASP B 341 8.39 -2.57 31.59
CA ASP B 341 9.68 -2.14 32.15
C ASP B 341 10.48 -1.30 31.18
N VAL B 342 10.08 -1.30 29.91
CA VAL B 342 10.77 -0.53 28.85
C VAL B 342 10.59 0.97 29.04
N LEU B 343 9.42 1.35 29.51
CA LEU B 343 9.07 2.78 29.63
C LEU B 343 9.91 3.55 30.66
N THR B 344 9.99 3.02 31.89
CA THR B 344 10.73 3.70 32.97
C THR B 344 12.24 3.63 32.73
N GLY B 345 12.64 2.53 32.11
CA GLY B 345 14.05 2.27 31.76
C GLY B 345 14.64 3.35 30.89
N LEU B 346 13.89 3.75 29.88
CA LEU B 346 14.32 4.80 28.94
C LEU B 346 13.95 6.21 29.40
N GLY B 347 13.15 6.27 30.45
CA GLY B 347 12.64 7.53 31.02
C GLY B 347 11.59 8.14 30.13
N ILE B 348 10.88 7.26 29.45
CA ILE B 348 9.93 7.61 28.37
C ILE B 348 8.48 7.71 28.81
N GLY B 349 8.19 6.97 29.88
CA GLY B 349 6.88 6.99 30.47
C GLY B 349 6.77 6.19 31.74
N PHE B 350 5.57 5.71 32.00
CA PHE B 350 5.24 5.03 33.24
C PHE B 350 3.95 4.24 33.15
N ASP B 351 3.70 3.37 34.13
CA ASP B 351 2.44 2.64 34.17
C ASP B 351 1.51 3.24 35.21
N ALA B 352 0.22 3.14 34.93
CA ALA B 352 -0.82 3.59 35.87
C ALA B 352 -1.99 2.62 35.94
N GLU B 353 -2.43 2.35 37.16
CA GLU B 353 -3.59 1.49 37.36
C GLU B 353 -4.82 2.25 36.93
N ALA B 354 -5.64 1.58 36.13
CA ALA B 354 -6.87 2.16 35.56
C ALA B 354 -7.68 2.99 36.57
N GLY B 355 -7.81 2.43 37.77
CA GLY B 355 -8.67 3.01 38.80
C GLY B 355 -8.06 4.20 39.53
N SER B 356 -6.78 4.44 39.26
CA SER B 356 -6.03 5.56 39.90
C SER B 356 -5.76 6.69 38.90
N LEU B 357 -5.83 6.32 37.63
CA LEU B 357 -5.55 7.20 36.50
C LEU B 357 -6.42 8.45 36.47
N GLY B 358 -5.76 9.60 36.48
CA GLY B 358 -6.42 10.91 36.44
C GLY B 358 -5.60 12.08 35.92
N ALA B 359 -6.03 13.28 36.28
CA ALA B 359 -5.38 14.53 35.83
C ALA B 359 -3.89 14.56 36.15
N GLU B 360 -3.53 14.11 37.34
CA GLU B 360 -2.13 14.13 37.79
C GLU B 360 -1.19 13.54 36.73
N GLN B 361 -1.58 12.37 36.26
CA GLN B 361 -0.79 11.60 35.28
C GLN B 361 -0.75 12.31 33.93
N CYS B 362 -1.91 12.81 33.55
CA CYS B 362 -2.06 13.55 32.30
C CYS B 362 -1.13 14.74 32.26
N ARG B 363 -1.13 15.49 33.36
CA ARG B 363 -0.30 16.72 33.48
C ARG B 363 1.18 16.39 33.44
N ARG B 364 1.51 15.26 34.05
CA ARG B 364 2.89 14.76 34.00
C ARG B 364 3.30 14.50 32.55
N LEU B 365 2.47 13.72 31.84
CA LEU B 365 2.72 13.41 30.41
C LEU B 365 2.93 14.66 29.56
N LEU B 366 2.13 15.68 29.86
CA LEU B 366 2.14 16.94 29.10
C LEU B 366 3.31 17.87 29.43
N ASP B 367 3.68 17.91 30.71
CA ASP B 367 4.56 18.98 31.24
C ASP B 367 5.96 18.54 31.65
N ASP B 368 6.14 17.23 31.84
CA ASP B 368 7.42 16.66 32.27
C ASP B 368 8.46 16.67 31.13
N ALA B 369 9.43 17.56 31.26
CA ALA B 369 10.47 17.75 30.24
C ALA B 369 11.35 16.50 30.08
N GLY B 370 11.54 15.79 31.18
CA GLY B 370 12.31 14.54 31.20
C GLY B 370 11.77 13.49 30.25
N LEU B 371 10.47 13.23 30.37
CA LEU B 371 9.77 12.25 29.53
C LEU B 371 9.88 12.61 28.06
N ARG B 372 9.71 13.89 27.79
CA ARG B 372 9.76 14.41 26.41
C ARG B 372 11.12 14.13 25.77
N GLU B 373 12.16 14.56 26.47
CA GLU B 373 13.54 14.46 25.98
C GLU B 373 13.91 13.02 25.65
N ALA B 374 13.49 12.10 26.51
CA ALA B 374 13.75 10.66 26.30
C ALA B 374 13.04 10.14 25.05
N ALA B 375 11.80 10.57 24.89
CA ALA B 375 10.96 10.16 23.77
C ALA B 375 11.61 10.53 22.46
N LEU B 376 12.01 11.79 22.37
CA LEU B 376 12.64 12.32 21.14
C LEU B 376 13.95 11.59 20.85
N ARG B 377 14.59 11.17 21.93
CA ARG B 377 15.90 10.49 21.86
C ARG B 377 15.74 9.13 21.21
N VAL B 378 14.70 8.41 21.60
CA VAL B 378 14.45 7.06 21.03
C VAL B 378 13.93 7.16 19.61
N ARG B 379 13.18 8.21 19.36
CA ARG B 379 12.68 8.51 18.01
C ARG B 379 13.87 8.68 17.09
N GLN B 380 14.84 9.44 17.56
CA GLN B 380 16.09 9.67 16.83
C GLN B 380 16.81 8.35 16.53
N GLU B 381 16.92 7.53 17.57
CA GLU B 381 17.54 6.20 17.51
C GLU B 381 16.90 5.32 16.42
N MET B 382 15.58 5.22 16.47
CA MET B 382 14.81 4.43 15.49
C MET B 382 15.06 4.91 14.06
N SER B 383 15.16 6.21 13.91
CA SER B 383 15.27 6.84 12.60
C SER B 383 16.63 6.61 11.95
N GLU B 384 17.59 6.19 12.76
CA GLU B 384 18.95 5.85 12.26
C GLU B 384 19.06 4.39 11.81
N MET B 385 18.01 3.63 12.08
CA MET B 385 17.95 2.24 11.65
C MET B 385 17.62 2.19 10.18
N PRO B 386 18.15 1.21 9.44
CA PRO B 386 17.87 1.20 8.02
C PRO B 386 16.38 1.15 7.69
N PRO B 387 15.94 1.98 6.76
CA PRO B 387 14.54 1.92 6.36
C PRO B 387 14.27 0.67 5.55
N PRO B 388 13.00 0.30 5.41
CA PRO B 388 12.60 -0.86 4.65
C PRO B 388 13.17 -0.92 3.24
N ALA B 389 13.33 0.23 2.63
CA ALA B 389 13.91 0.32 1.29
C ALA B 389 15.31 -0.32 1.26
N GLU B 390 16.12 0.11 2.23
CA GLU B 390 17.49 -0.38 2.38
C GLU B 390 17.51 -1.89 2.67
N THR B 391 16.61 -2.32 3.54
CA THR B 391 16.52 -3.75 3.90
C THR B 391 16.05 -4.57 2.70
N ALA B 392 15.15 -4.00 1.92
CA ALA B 392 14.64 -4.66 0.74
C ALA B 392 15.79 -5.01 -0.20
N ALA B 393 16.70 -4.05 -0.36
CA ALA B 393 17.83 -4.18 -1.30
C ALA B 393 18.73 -5.33 -0.88
N MLY B 394 19.00 -5.44 0.42
CA MLY B 394 19.87 -6.51 0.93
CB MLY B 394 20.06 -6.47 2.45
CG MLY B 394 21.22 -5.61 2.91
CD MLY B 394 21.24 -5.60 4.43
CE MLY B 394 22.01 -6.77 5.06
NZ MLY B 394 22.58 -6.26 6.34
CH1 MLY B 394 23.77 -5.40 6.11
CH2 MLY B 394 22.92 -7.34 7.27
C MLY B 394 19.27 -7.85 0.68
O MLY B 394 19.97 -8.81 0.38
N LEU B 395 17.96 -7.93 0.83
CA LEU B 395 17.21 -9.18 0.59
C LEU B 395 17.30 -9.62 -0.87
N VAL B 396 17.19 -8.66 -1.77
CA VAL B 396 17.30 -8.95 -3.22
C VAL B 396 18.65 -9.62 -3.48
N ALA B 397 19.67 -9.06 -2.83
CA ALA B 397 21.05 -9.56 -2.95
C ALA B 397 21.17 -10.98 -2.43
N LEU B 398 20.58 -11.22 -1.27
CA LEU B 398 20.58 -12.57 -0.64
C LEU B 398 19.86 -13.64 -1.51
N ALA B 399 18.80 -13.22 -2.17
CA ALA B 399 18.06 -14.14 -3.06
C ALA B 399 18.80 -14.44 -4.37
#